data_6A1K
#
_entry.id   6A1K
#
_cell.length_a   108.520
_cell.length_b   144.760
_cell.length_c   84.840
_cell.angle_alpha   90.000
_cell.angle_beta   90.000
_cell.angle_gamma   90.000
#
_symmetry.space_group_name_H-M   'C 2 2 2'
#
loop_
_entity.id
_entity.type
_entity.pdbx_description
1 polymer 'Phosphate acyltransferase'
2 non-polymer 'SULFATE ION'
3 water water
#
_entity_poly.entity_id   1
_entity_poly.type   'polypeptide(L)'
_entity_poly.pdbx_seq_one_letter_code
;MRIAVDAMGGDHAPKAVIDGVIKGIEAFDDLHITLVGDKTTIESHLTTTSDRITVLHADEVIEPTDEPVRAVRRKKNSSM
VLMAQEVAENRADACISAGNTGALMTAGLFIVGRIKGIDRPALAPTLPTVSGDGFLLLDVGANVDAKPEHLVQYAIMGSV
YSQQVRGVTSPRVGLLNVGTEDKKGNELTKQTFQILKETANINFIGNVEARDLLDDVADVVVTDGFTGNVTLKTLEGSAL
SIFKMMRDVMTSTLTSKLAAAVLKPKLKEMKMKMEYSNYGGASLFGLKAPVIKAHGSSDSNAVFHAIRQAREMVSQNVAA
LIQEEVLEHHHHHH
;
_entity_poly.pdbx_strand_id   A,B
#
# COMPACT_ATOMS: atom_id res chain seq x y z
N MET A 1 35.98 7.25 12.64
CA MET A 1 34.87 7.01 11.74
C MET A 1 34.79 7.97 10.55
N ARG A 2 34.81 7.42 9.34
CA ARG A 2 34.82 8.21 8.11
C ARG A 2 33.59 7.88 7.27
N ILE A 3 32.88 8.90 6.82
CA ILE A 3 31.70 8.73 5.97
C ILE A 3 31.91 9.52 4.68
N ALA A 4 31.68 8.87 3.54
CA ALA A 4 31.74 9.49 2.22
C ALA A 4 30.33 9.95 1.85
N VAL A 5 30.20 11.19 1.43
CA VAL A 5 28.90 11.76 1.08
C VAL A 5 28.95 12.31 -0.35
N ASP A 6 27.97 11.92 -1.15
CA ASP A 6 27.81 12.45 -2.50
C ASP A 6 27.23 13.86 -2.37
N ALA A 7 28.05 14.87 -2.63
CA ALA A 7 27.60 16.25 -2.51
C ALA A 7 26.70 16.69 -3.65
N MET A 8 26.68 15.97 -4.77
CA MET A 8 26.01 16.42 -5.98
C MET A 8 24.60 15.86 -6.18
N GLY A 9 24.28 14.69 -5.65
CA GLY A 9 22.94 14.15 -5.84
C GLY A 9 21.91 14.84 -4.97
N GLY A 10 20.69 14.99 -5.51
CA GLY A 10 19.56 15.52 -4.76
C GLY A 10 19.01 16.85 -5.28
N ASP A 11 17.72 17.09 -5.02
CA ASP A 11 17.04 18.28 -5.54
C ASP A 11 17.69 19.57 -5.03
N HIS A 12 18.11 19.61 -3.78
CA HIS A 12 18.71 20.81 -3.22
C HIS A 12 20.22 20.71 -3.10
N ALA A 13 20.82 19.73 -3.77
CA ALA A 13 22.27 19.62 -3.81
C ALA A 13 22.86 20.70 -4.71
N PRO A 14 24.06 21.21 -4.38
CA PRO A 14 24.91 20.71 -3.30
C PRO A 14 24.76 21.47 -1.98
N LYS A 15 23.98 22.54 -1.94
CA LYS A 15 23.95 23.38 -0.75
C LYS A 15 23.36 22.65 0.45
N ALA A 16 22.24 21.95 0.28
CA ALA A 16 21.61 21.29 1.41
C ALA A 16 22.47 20.15 1.95
N VAL A 17 23.14 19.43 1.04
CA VAL A 17 24.01 18.33 1.46
C VAL A 17 25.20 18.87 2.25
N ILE A 18 25.81 19.94 1.78
CA ILE A 18 26.95 20.54 2.49
C ILE A 18 26.50 21.08 3.86
N ASP A 19 25.35 21.75 3.90
CA ASP A 19 24.84 22.27 5.16
C ASP A 19 24.55 21.15 6.18
N GLY A 20 24.01 20.02 5.70
CA GLY A 20 23.80 18.88 6.59
C GLY A 20 25.10 18.29 7.07
N VAL A 21 26.11 18.22 6.19
CA VAL A 21 27.43 17.73 6.59
C VAL A 21 28.00 18.61 7.68
N ILE A 22 27.88 19.95 7.53
CA ILE A 22 28.38 20.86 8.55
C ILE A 22 27.65 20.65 9.89
N LYS A 23 26.33 20.42 9.84
CA LYS A 23 25.61 20.11 11.07
C LYS A 23 26.12 18.82 11.72
N GLY A 24 26.37 17.78 10.94
CA GLY A 24 26.91 16.55 11.50
C GLY A 24 28.30 16.72 12.08
N ILE A 25 29.16 17.46 11.40
CA ILE A 25 30.51 17.72 11.89
C ILE A 25 30.46 18.50 13.20
N GLU A 26 29.55 19.48 13.30
CA GLU A 26 29.44 20.20 14.55
C GLU A 26 28.84 19.35 15.66
N ALA A 27 27.94 18.42 15.32
CA ALA A 27 27.31 17.59 16.35
C ALA A 27 28.21 16.45 16.85
N PHE A 28 28.98 15.79 15.98
CA PHE A 28 29.72 14.59 16.36
C PHE A 28 31.22 14.81 16.20
N ASP A 29 31.94 14.90 17.32
CA ASP A 29 33.38 15.14 17.33
C ASP A 29 34.18 14.05 16.62
N ASP A 30 33.78 12.79 16.77
CA ASP A 30 34.55 11.67 16.21
C ASP A 30 34.38 11.52 14.70
N LEU A 31 33.55 12.33 14.07
CA LEU A 31 33.14 12.13 12.68
C LEU A 31 34.09 12.84 11.70
N HIS A 32 34.47 12.12 10.65
CA HIS A 32 35.22 12.68 9.52
C HIS A 32 34.36 12.44 8.29
N ILE A 33 34.24 13.46 7.44
CA ILE A 33 33.39 13.39 6.25
C ILE A 33 34.25 13.64 5.02
N THR A 34 34.09 12.79 4.01
CA THR A 34 34.65 13.04 2.69
C THR A 34 33.50 13.47 1.78
N LEU A 35 33.51 14.73 1.36
CA LEU A 35 32.48 15.27 0.48
C LEU A 35 32.97 15.11 -0.95
N VAL A 36 32.18 14.46 -1.80
CA VAL A 36 32.59 14.07 -3.15
C VAL A 36 31.77 14.88 -4.15
N GLY A 37 32.46 15.60 -5.03
CA GLY A 37 31.75 16.37 -6.05
C GLY A 37 32.67 17.42 -6.65
N ASP A 38 32.05 18.48 -7.17
CA ASP A 38 32.83 19.57 -7.74
C ASP A 38 33.54 20.30 -6.59
N LYS A 39 34.87 20.17 -6.55
CA LYS A 39 35.63 20.60 -5.39
C LYS A 39 35.53 22.11 -5.17
N THR A 40 35.70 22.92 -6.23
CA THR A 40 35.64 24.37 -6.05
C THR A 40 34.25 24.82 -5.60
N THR A 41 33.19 24.26 -6.22
CA THR A 41 31.84 24.61 -5.80
C THR A 41 31.62 24.20 -4.34
N ILE A 42 32.06 22.99 -3.97
CA ILE A 42 31.88 22.52 -2.60
C ILE A 42 32.59 23.44 -1.63
N GLU A 43 33.81 23.86 -1.99
CA GLU A 43 34.59 24.75 -1.13
C GLU A 43 33.95 26.12 -1.00
N SER A 44 33.18 26.55 -2.01
CA SER A 44 32.53 27.86 -1.90
C SER A 44 31.58 27.92 -0.70
N HIS A 45 30.90 26.80 -0.39
CA HIS A 45 29.97 26.77 0.74
C HIS A 45 30.66 26.45 2.06
N LEU A 46 31.92 26.05 2.03
CA LEU A 46 32.65 25.57 3.20
C LEU A 46 33.48 26.67 3.85
N THR A 47 33.08 27.93 3.73
CA THR A 47 33.96 28.98 4.22
C THR A 47 33.89 29.19 5.73
N THR A 48 32.91 28.62 6.43
CA THR A 48 32.81 28.81 7.87
C THR A 48 33.19 27.57 8.68
N THR A 49 32.94 26.37 8.17
CA THR A 49 33.31 25.13 8.84
C THR A 49 34.07 24.21 7.90
N SER A 50 35.36 23.94 8.22
CA SER A 50 36.16 23.02 7.41
C SER A 50 37.05 22.09 8.24
N ASP A 51 36.71 21.81 9.50
CA ASP A 51 37.62 21.10 10.40
C ASP A 51 37.97 19.66 9.99
N ARG A 52 36.99 18.76 10.07
CA ARG A 52 37.16 17.33 9.79
C ARG A 52 36.54 16.93 8.45
N ILE A 53 36.51 17.85 7.49
CA ILE A 53 35.95 17.63 6.16
C ILE A 53 37.08 17.57 5.15
N THR A 54 37.05 16.54 4.32
CA THR A 54 37.93 16.41 3.17
C THR A 54 37.06 16.51 1.92
N VAL A 55 37.52 17.23 0.91
CA VAL A 55 36.77 17.39 -0.33
C VAL A 55 37.48 16.63 -1.43
N LEU A 56 36.78 15.71 -2.07
CA LEU A 56 37.30 14.87 -3.14
C LEU A 56 36.62 15.26 -4.45
N HIS A 57 37.43 15.70 -5.41
CA HIS A 57 36.89 16.23 -6.66
C HIS A 57 36.43 15.11 -7.58
N ALA A 58 35.24 15.30 -8.15
CA ALA A 58 34.64 14.42 -9.14
C ALA A 58 34.28 15.26 -10.36
N ASP A 59 34.90 14.93 -11.49
CA ASP A 59 34.73 15.72 -12.72
C ASP A 59 33.33 15.57 -13.32
N GLU A 60 32.65 14.44 -13.09
CA GLU A 60 31.37 14.17 -13.73
C GLU A 60 30.32 13.83 -12.66
N VAL A 61 29.06 13.86 -13.09
CA VAL A 61 27.91 13.56 -12.25
C VAL A 61 27.00 12.61 -13.01
N ILE A 62 26.28 11.76 -12.26
CA ILE A 62 25.27 10.88 -12.82
C ILE A 62 23.93 11.60 -12.79
N GLU A 63 23.31 11.78 -13.96
CA GLU A 63 22.03 12.47 -14.03
C GLU A 63 20.88 11.52 -13.73
N PRO A 64 19.69 12.05 -13.41
CA PRO A 64 18.57 11.15 -13.06
C PRO A 64 17.99 10.36 -14.23
N THR A 65 18.16 10.82 -15.48
CA THR A 65 17.57 10.13 -16.63
C THR A 65 18.44 9.03 -17.21
N ASP A 66 19.68 8.90 -16.73
CA ASP A 66 20.59 7.88 -17.26
C ASP A 66 20.38 6.50 -16.65
N GLU A 67 20.64 5.46 -17.43
CA GLU A 67 20.48 4.08 -16.94
C GLU A 67 21.57 3.78 -15.92
N PRO A 68 21.21 3.19 -14.77
CA PRO A 68 22.19 3.08 -13.67
C PRO A 68 23.44 2.26 -13.98
N VAL A 69 23.29 1.04 -14.51
CA VAL A 69 24.47 0.20 -14.71
C VAL A 69 25.43 0.86 -15.69
N ARG A 70 24.90 1.41 -16.78
CA ARG A 70 25.73 2.07 -17.77
C ARG A 70 26.44 3.28 -17.16
N ALA A 71 25.70 4.10 -16.41
CA ALA A 71 26.31 5.28 -15.80
C ALA A 71 27.40 4.89 -14.80
N VAL A 72 27.14 3.89 -13.98
CA VAL A 72 28.11 3.50 -12.96
C VAL A 72 29.37 2.92 -13.60
N ARG A 73 29.22 2.11 -14.66
CA ARG A 73 30.40 1.53 -15.29
C ARG A 73 31.18 2.59 -16.07
N ARG A 74 30.47 3.41 -16.85
CA ARG A 74 31.13 4.36 -17.74
C ARG A 74 31.70 5.55 -16.98
N LYS A 75 30.94 6.13 -16.06
CA LYS A 75 31.34 7.39 -15.44
C LYS A 75 32.11 7.15 -14.15
N LYS A 76 33.33 6.62 -14.32
CA LYS A 76 34.19 6.28 -13.20
C LYS A 76 34.52 7.48 -12.32
N ASN A 77 34.38 8.71 -12.82
CA ASN A 77 34.72 9.89 -12.04
C ASN A 77 33.49 10.68 -11.62
N SER A 78 32.32 10.04 -11.64
CA SER A 78 31.12 10.65 -11.09
C SER A 78 31.20 10.69 -9.57
N SER A 79 30.47 11.65 -8.97
CA SER A 79 30.52 11.77 -7.52
C SER A 79 30.01 10.50 -6.84
N MET A 80 29.01 9.84 -7.42
CA MET A 80 28.50 8.63 -6.76
C MET A 80 29.50 7.48 -6.83
N VAL A 81 30.15 7.29 -7.98
CA VAL A 81 31.10 6.18 -8.12
C VAL A 81 32.32 6.41 -7.26
N LEU A 82 32.86 7.63 -7.25
CA LEU A 82 34.02 7.93 -6.42
C LEU A 82 33.68 7.82 -4.94
N MET A 83 32.45 8.17 -4.56
CA MET A 83 32.02 8.00 -3.18
C MET A 83 32.03 6.52 -2.78
N ALA A 84 31.45 5.65 -3.61
CA ALA A 84 31.44 4.22 -3.29
C ALA A 84 32.85 3.63 -3.26
N GLN A 85 33.70 4.12 -4.16
CA GLN A 85 35.09 3.69 -4.21
C GLN A 85 35.84 3.99 -2.92
N GLU A 86 35.54 5.13 -2.27
CA GLU A 86 36.14 5.43 -0.97
C GLU A 86 35.87 4.32 0.03
N VAL A 87 34.63 3.82 0.07
CA VAL A 87 34.27 2.72 0.96
C VAL A 87 35.01 1.44 0.54
N ALA A 88 35.01 1.15 -0.76
CA ALA A 88 35.62 -0.09 -1.23
C ALA A 88 37.13 -0.10 -0.98
N GLU A 89 37.79 1.04 -1.13
CA GLU A 89 39.21 1.14 -0.87
C GLU A 89 39.51 1.38 0.61
N ASN A 90 38.51 1.24 1.47
CA ASN A 90 38.64 1.34 2.92
C ASN A 90 39.05 2.72 3.40
N ARG A 91 38.85 3.75 2.58
CA ARG A 91 39.07 5.11 3.02
C ARG A 91 37.83 5.72 3.67
N ALA A 92 36.70 5.00 3.66
CA ALA A 92 35.49 5.42 4.36
C ALA A 92 34.78 4.19 4.91
N ASP A 93 34.08 4.38 6.02
CA ASP A 93 33.32 3.31 6.66
C ASP A 93 31.87 3.23 6.21
N ALA A 94 31.33 4.28 5.61
CA ALA A 94 29.94 4.29 5.19
C ALA A 94 29.81 5.36 4.12
N CYS A 95 28.71 5.35 3.38
CA CYS A 95 28.50 6.42 2.41
C CYS A 95 27.02 6.76 2.30
N ILE A 96 26.76 7.99 1.88
CA ILE A 96 25.41 8.54 1.80
C ILE A 96 25.29 9.29 0.49
N SER A 97 24.19 9.07 -0.24
CA SER A 97 23.92 9.90 -1.41
C SER A 97 22.44 10.24 -1.45
N ALA A 98 22.12 11.46 -1.91
CA ALA A 98 20.74 11.84 -2.19
C ALA A 98 20.38 11.67 -3.65
N GLY A 99 21.26 11.05 -4.43
CA GLY A 99 21.07 10.90 -5.87
C GLY A 99 20.17 9.74 -6.25
N ASN A 100 20.27 9.39 -7.53
CA ASN A 100 19.39 8.41 -8.14
C ASN A 100 19.45 7.05 -7.45
N THR A 101 18.28 6.55 -7.05
CA THR A 101 18.23 5.31 -6.27
C THR A 101 18.86 4.14 -7.01
N GLY A 102 18.47 3.93 -8.28
CA GLY A 102 19.00 2.81 -9.03
C GLY A 102 20.50 2.87 -9.18
N ALA A 103 21.04 4.07 -9.46
CA ALA A 103 22.49 4.23 -9.58
C ALA A 103 23.19 3.85 -8.28
N LEU A 104 22.64 4.31 -7.14
CA LEU A 104 23.27 4.03 -5.86
C LEU A 104 23.23 2.53 -5.55
N MET A 105 22.12 1.86 -5.86
CA MET A 105 22.05 0.42 -5.63
C MET A 105 23.06 -0.31 -6.50
N THR A 106 23.20 0.13 -7.76
CA THR A 106 24.19 -0.48 -8.64
C THR A 106 25.59 -0.27 -8.10
N ALA A 107 25.92 0.96 -7.72
CA ALA A 107 27.25 1.23 -7.20
C ALA A 107 27.50 0.47 -5.91
N GLY A 108 26.51 0.40 -5.01
CA GLY A 108 26.69 -0.35 -3.79
C GLY A 108 26.97 -1.82 -4.07
N LEU A 109 26.17 -2.44 -4.93
CA LEU A 109 26.35 -3.84 -5.27
C LEU A 109 27.66 -4.08 -6.00
N PHE A 110 27.93 -3.29 -7.04
CA PHE A 110 29.10 -3.53 -7.88
C PHE A 110 30.39 -3.18 -7.16
N ILE A 111 30.43 -2.03 -6.48
CA ILE A 111 31.65 -1.50 -5.91
C ILE A 111 31.81 -1.87 -4.44
N VAL A 112 30.79 -1.66 -3.62
CA VAL A 112 30.94 -1.97 -2.20
C VAL A 112 30.90 -3.46 -1.96
N GLY A 113 29.97 -4.18 -2.59
CA GLY A 113 29.93 -5.62 -2.49
C GLY A 113 29.06 -6.12 -1.35
N ARG A 114 28.66 -7.39 -1.46
CA ARG A 114 27.74 -7.96 -0.48
C ARG A 114 28.47 -8.55 0.73
N ILE A 115 27.79 -8.50 1.88
CA ILE A 115 28.24 -9.24 3.05
C ILE A 115 28.30 -10.72 2.69
N LYS A 116 29.32 -11.41 3.20
CA LYS A 116 29.46 -12.84 2.93
C LYS A 116 28.25 -13.60 3.47
N GLY A 117 27.60 -14.36 2.61
CA GLY A 117 26.42 -15.11 3.00
C GLY A 117 25.11 -14.42 2.71
N ILE A 118 25.13 -13.15 2.30
CA ILE A 118 23.94 -12.40 1.94
C ILE A 118 23.74 -12.53 0.43
N ASP A 119 22.61 -13.09 0.03
CA ASP A 119 22.35 -13.29 -1.39
C ASP A 119 21.99 -11.99 -2.12
N ARG A 120 20.99 -11.24 -1.61
CA ARG A 120 20.48 -10.06 -2.30
C ARG A 120 20.32 -8.92 -1.32
N PRO A 121 20.78 -7.71 -1.63
CA PRO A 121 20.57 -6.58 -0.74
C PRO A 121 19.10 -6.16 -0.74
N ALA A 122 18.73 -5.39 0.28
CA ALA A 122 17.38 -4.89 0.42
C ALA A 122 17.41 -3.40 0.69
N LEU A 123 16.44 -2.69 0.11
CA LEU A 123 16.24 -1.25 0.33
C LEU A 123 15.24 -1.10 1.47
N ALA A 124 15.66 -0.41 2.52
CA ALA A 124 14.91 -0.39 3.78
C ALA A 124 14.78 1.01 4.36
N PRO A 125 13.68 1.70 4.09
CA PRO A 125 13.42 2.96 4.81
C PRO A 125 12.68 2.71 6.12
N THR A 126 12.86 3.67 7.04
CA THR A 126 12.09 3.71 8.28
C THR A 126 10.92 4.64 8.05
N LEU A 127 9.71 4.14 8.29
CA LEU A 127 8.49 4.87 8.03
C LEU A 127 7.84 5.29 9.34
N PRO A 128 7.00 6.33 9.33
CA PRO A 128 6.38 6.78 10.57
C PRO A 128 5.22 5.90 11.01
N THR A 129 4.89 6.02 12.29
CA THR A 129 3.71 5.40 12.87
C THR A 129 2.96 6.45 13.67
N VAL A 130 1.73 6.12 14.05
CA VAL A 130 0.90 7.04 14.82
C VAL A 130 1.57 7.38 16.14
N SER A 131 2.15 6.39 16.81
CA SER A 131 2.83 6.64 18.08
C SER A 131 4.14 7.40 17.92
N GLY A 132 4.67 7.48 16.69
CA GLY A 132 5.97 8.05 16.45
C GLY A 132 7.13 7.09 16.60
N ASP A 133 6.89 5.83 17.00
CA ASP A 133 7.96 4.85 17.11
C ASP A 133 8.56 4.51 15.76
N GLY A 134 7.76 4.49 14.71
CA GLY A 134 8.25 4.17 13.40
C GLY A 134 8.48 2.68 13.21
N PHE A 135 8.65 2.29 11.96
CA PHE A 135 8.90 0.90 11.64
C PHE A 135 9.70 0.81 10.35
N LEU A 136 10.38 -0.31 10.20
CA LEU A 136 11.25 -0.55 9.06
C LEU A 136 10.50 -1.38 8.01
N LEU A 137 10.46 -0.88 6.78
CA LEU A 137 9.85 -1.58 5.65
C LEU A 137 10.96 -1.98 4.70
N LEU A 138 11.15 -3.27 4.50
CA LEU A 138 12.22 -3.69 3.64
C LEU A 138 11.78 -4.88 2.85
N ASP A 139 11.49 -4.68 1.58
CA ASP A 139 12.41 -4.35 0.51
C ASP A 139 11.50 -3.55 -0.39
N VAL A 140 11.87 -2.31 -0.63
CA VAL A 140 10.99 -1.42 -1.37
C VAL A 140 11.50 -1.21 -2.80
N GLY A 141 12.03 -2.26 -3.42
CA GLY A 141 12.40 -2.22 -4.81
C GLY A 141 13.87 -2.44 -5.17
N ALA A 142 14.70 -2.84 -4.22
CA ALA A 142 16.05 -3.27 -4.59
C ALA A 142 16.03 -4.56 -5.41
N ASN A 143 15.15 -5.50 -5.10
CA ASN A 143 15.11 -6.81 -5.78
C ASN A 143 13.66 -7.18 -6.13
N VAL A 144 13.29 -7.11 -7.42
CA VAL A 144 11.89 -7.33 -7.78
C VAL A 144 11.52 -8.81 -7.71
N ASP A 145 12.41 -9.70 -8.11
CA ASP A 145 12.13 -11.13 -8.06
C ASP A 145 12.88 -11.71 -6.86
N ALA A 146 12.12 -12.19 -5.87
CA ALA A 146 12.70 -12.61 -4.61
C ALA A 146 12.33 -14.06 -4.35
N LYS A 147 13.21 -14.74 -3.64
CA LYS A 147 13.04 -16.08 -3.10
C LYS A 147 12.74 -16.01 -1.60
N PRO A 148 12.16 -17.08 -1.03
CA PRO A 148 11.88 -17.05 0.42
C PRO A 148 13.12 -16.85 1.28
N GLU A 149 14.24 -17.45 0.90
CA GLU A 149 15.48 -17.30 1.66
C GLU A 149 15.93 -15.85 1.70
N HIS A 150 15.71 -15.11 0.61
CA HIS A 150 16.05 -13.69 0.58
C HIS A 150 15.26 -12.93 1.65
N LEU A 151 13.95 -13.17 1.72
CA LEU A 151 13.12 -12.51 2.72
C LEU A 151 13.56 -12.87 4.13
N VAL A 152 13.97 -14.12 4.36
CA VAL A 152 14.45 -14.50 5.69
C VAL A 152 15.68 -13.68 6.06
N GLN A 153 16.59 -13.51 5.10
CA GLN A 153 17.75 -12.65 5.35
C GLN A 153 17.32 -11.20 5.61
N TYR A 154 16.30 -10.71 4.90
CA TYR A 154 15.79 -9.37 5.17
C TYR A 154 15.30 -9.24 6.60
N ALA A 155 14.60 -10.26 7.10
CA ALA A 155 14.10 -10.22 8.47
C ALA A 155 15.26 -10.16 9.46
N ILE A 156 16.31 -10.94 9.22
CA ILE A 156 17.44 -10.92 10.13
C ILE A 156 18.14 -9.55 10.12
N MET A 157 18.36 -8.99 8.92
CA MET A 157 19.05 -7.70 8.84
C MET A 157 18.24 -6.58 9.47
N GLY A 158 16.93 -6.56 9.20
CA GLY A 158 16.07 -5.57 9.81
C GLY A 158 16.02 -5.70 11.31
N SER A 159 16.08 -6.93 11.83
CA SER A 159 16.08 -7.12 13.28
C SER A 159 17.39 -6.61 13.90
N VAL A 160 18.52 -6.88 13.24
CA VAL A 160 19.79 -6.40 13.78
C VAL A 160 19.83 -4.88 13.76
N TYR A 161 19.35 -4.26 12.67
CA TYR A 161 19.32 -2.79 12.61
C TYR A 161 18.40 -2.22 13.68
N SER A 162 17.21 -2.79 13.81
CA SER A 162 16.24 -2.28 14.78
C SER A 162 16.80 -2.38 16.20
N GLN A 163 17.54 -3.45 16.48
CA GLN A 163 18.12 -3.61 17.81
C GLN A 163 19.30 -2.66 18.03
N GLN A 164 20.26 -2.65 17.09
CA GLN A 164 21.49 -1.89 17.27
C GLN A 164 21.31 -0.38 17.06
N VAL A 165 20.52 0.03 16.07
CA VAL A 165 20.45 1.44 15.72
C VAL A 165 19.22 2.10 16.35
N ARG A 166 18.08 1.46 16.29
CA ARG A 166 16.88 2.03 16.89
C ARG A 166 16.75 1.67 18.37
N GLY A 167 17.63 0.82 18.91
CA GLY A 167 17.55 0.46 20.31
C GLY A 167 16.32 -0.30 20.71
N VAL A 168 15.74 -1.11 19.81
CA VAL A 168 14.60 -1.95 20.15
C VAL A 168 15.12 -3.32 20.58
N THR A 169 14.84 -3.70 21.83
CA THR A 169 15.49 -4.88 22.42
C THR A 169 15.15 -6.16 21.66
N SER A 170 13.86 -6.41 21.41
CA SER A 170 13.40 -7.63 20.74
C SER A 170 12.45 -7.22 19.62
N PRO A 171 12.99 -6.80 18.47
CA PRO A 171 12.15 -6.22 17.42
C PRO A 171 11.09 -7.20 16.92
N ARG A 172 9.84 -6.73 16.89
CA ARG A 172 8.77 -7.51 16.34
C ARG A 172 8.90 -7.52 14.83
N VAL A 173 9.06 -8.71 14.27
CA VAL A 173 9.23 -8.88 12.83
C VAL A 173 7.95 -9.50 12.30
N GLY A 174 7.30 -8.81 11.37
CA GLY A 174 6.07 -9.28 10.78
C GLY A 174 6.24 -9.46 9.28
N LEU A 175 5.47 -10.38 8.73
CA LEU A 175 5.50 -10.65 7.31
C LEU A 175 4.30 -9.97 6.66
N LEU A 176 4.56 -9.02 5.75
CA LEU A 176 3.46 -8.32 5.08
C LEU A 176 2.65 -9.31 4.28
N ASN A 177 1.34 -9.30 4.47
CA ASN A 177 0.52 -10.37 3.93
C ASN A 177 -0.89 -9.86 3.74
N VAL A 178 -1.75 -10.72 3.19
CA VAL A 178 -3.15 -10.40 2.92
C VAL A 178 -4.05 -10.61 4.12
N GLY A 179 -3.55 -11.25 5.19
CA GLY A 179 -4.33 -11.47 6.39
C GLY A 179 -3.43 -11.73 7.57
N THR A 180 -4.03 -11.69 8.77
CA THR A 180 -3.33 -12.02 10.01
C THR A 180 -3.20 -13.52 10.23
N GLU A 181 -4.02 -14.32 9.55
CA GLU A 181 -3.99 -15.78 9.71
C GLU A 181 -2.64 -16.34 9.27
N ASP A 182 -2.24 -17.46 9.89
CA ASP A 182 -0.90 -18.00 9.67
C ASP A 182 -0.66 -18.48 8.24
N LYS A 183 -1.65 -19.11 7.60
CA LYS A 183 -1.47 -19.76 6.31
C LYS A 183 -1.70 -18.88 5.08
N LYS A 184 -1.86 -17.57 5.27
CA LYS A 184 -2.23 -16.70 4.17
C LYS A 184 -1.08 -16.44 3.19
N GLY A 185 -1.44 -15.95 2.00
CA GLY A 185 -0.49 -15.38 1.07
C GLY A 185 -0.32 -16.18 -0.21
N ASN A 186 0.49 -15.63 -1.10
CA ASN A 186 0.87 -16.33 -2.30
C ASN A 186 2.00 -17.31 -1.97
N GLU A 187 2.52 -17.99 -3.00
CA GLU A 187 3.48 -19.06 -2.77
C GLU A 187 4.72 -18.55 -2.03
N LEU A 188 5.28 -17.43 -2.52
CA LEU A 188 6.47 -16.87 -1.89
C LEU A 188 6.22 -16.53 -0.43
N THR A 189 5.07 -15.91 -0.14
CA THR A 189 4.84 -15.45 1.22
C THR A 189 4.58 -16.62 2.18
N LYS A 190 3.80 -17.62 1.76
CA LYS A 190 3.59 -18.77 2.63
C LYS A 190 4.87 -19.59 2.87
N GLN A 191 5.68 -19.80 1.85
CA GLN A 191 6.95 -20.49 2.05
C GLN A 191 7.84 -19.70 3.01
N THR A 192 7.85 -18.37 2.84
CA THR A 192 8.61 -17.53 3.75
C THR A 192 8.09 -17.63 5.17
N PHE A 193 6.76 -17.64 5.35
CA PHE A 193 6.22 -17.72 6.71
C PHE A 193 6.73 -18.97 7.41
N GLN A 194 6.74 -20.09 6.69
CA GLN A 194 7.17 -21.32 7.34
C GLN A 194 8.64 -21.27 7.72
N ILE A 195 9.49 -20.67 6.86
CA ILE A 195 10.91 -20.57 7.26
C ILE A 195 11.08 -19.60 8.42
N LEU A 196 10.36 -18.48 8.39
CA LEU A 196 10.47 -17.48 9.46
C LEU A 196 10.06 -18.07 10.79
N LYS A 197 9.04 -18.93 10.78
CA LYS A 197 8.57 -19.61 11.98
C LYS A 197 9.67 -20.46 12.61
N GLU A 198 10.61 -20.95 11.81
CA GLU A 198 11.70 -21.77 12.30
C GLU A 198 13.00 -21.00 12.50
N THR A 199 12.99 -19.69 12.32
CA THR A 199 14.21 -18.90 12.43
C THR A 199 14.40 -18.48 13.89
N ALA A 200 15.50 -18.94 14.49
CA ALA A 200 15.66 -18.88 15.95
C ALA A 200 15.95 -17.47 16.44
N ASN A 201 16.76 -16.71 15.70
CA ASN A 201 17.34 -15.48 16.23
C ASN A 201 16.45 -14.25 16.05
N ILE A 202 15.16 -14.42 15.74
CA ILE A 202 14.26 -13.30 15.49
C ILE A 202 13.01 -13.47 16.32
N ASN A 203 12.35 -12.35 16.61
CA ASN A 203 11.06 -12.35 17.29
C ASN A 203 10.00 -12.21 16.20
N PHE A 204 9.66 -13.36 15.59
CA PHE A 204 8.70 -13.40 14.50
C PHE A 204 7.31 -13.38 15.10
N ILE A 205 6.52 -12.34 14.78
CA ILE A 205 5.18 -12.22 15.32
C ILE A 205 4.12 -12.61 14.31
N GLY A 206 4.49 -13.06 13.13
CA GLY A 206 3.53 -13.59 12.19
C GLY A 206 3.20 -12.65 11.06
N ASN A 207 2.05 -12.92 10.44
CA ASN A 207 1.55 -12.12 9.34
C ASN A 207 0.97 -10.80 9.84
N VAL A 208 1.21 -9.73 9.08
CA VAL A 208 0.65 -8.42 9.36
C VAL A 208 -0.07 -7.94 8.11
N GLU A 209 -1.24 -7.35 8.32
CA GLU A 209 -2.05 -6.80 7.24
C GLU A 209 -1.59 -5.38 6.94
N ALA A 210 -1.74 -4.97 5.66
CA ALA A 210 -1.24 -3.67 5.24
C ALA A 210 -1.99 -2.52 5.93
N ARG A 211 -3.25 -2.74 6.27
CA ARG A 211 -4.07 -1.70 6.87
C ARG A 211 -3.54 -1.21 8.20
N ASP A 212 -2.73 -2.04 8.87
CA ASP A 212 -2.20 -1.70 10.18
C ASP A 212 -0.77 -1.17 10.16
N LEU A 213 -0.18 -0.94 8.97
CA LEU A 213 1.25 -0.63 8.94
C LEU A 213 1.62 0.58 9.79
N LEU A 214 0.83 1.67 9.71
CA LEU A 214 1.18 2.88 10.42
C LEU A 214 0.71 2.87 11.87
N ASP A 215 0.10 1.77 12.32
CA ASP A 215 -0.48 1.67 13.66
C ASP A 215 0.41 0.86 14.61
N ASP A 216 1.73 0.87 14.37
CA ASP A 216 2.70 0.22 15.25
C ASP A 216 2.42 -1.27 15.39
N VAL A 217 2.08 -1.91 14.29
CA VAL A 217 1.84 -3.35 14.23
C VAL A 217 3.13 -4.14 14.37
N ALA A 218 4.26 -3.59 13.93
CA ALA A 218 5.53 -4.32 13.94
C ALA A 218 6.68 -3.31 13.93
N ASP A 219 7.83 -3.77 14.41
CA ASP A 219 9.05 -2.98 14.30
C ASP A 219 9.73 -3.14 12.95
N VAL A 220 9.62 -4.33 12.35
CA VAL A 220 10.18 -4.64 11.05
C VAL A 220 9.09 -5.33 10.25
N VAL A 221 8.84 -4.87 9.02
CA VAL A 221 7.84 -5.48 8.15
C VAL A 221 8.55 -5.92 6.89
N VAL A 222 8.47 -7.22 6.59
CA VAL A 222 9.25 -7.84 5.54
C VAL A 222 8.34 -8.15 4.36
N THR A 223 8.84 -7.88 3.17
CA THR A 223 8.12 -8.12 1.93
C THR A 223 9.16 -8.23 0.82
N ASP A 224 8.70 -8.67 -0.36
CA ASP A 224 9.53 -8.64 -1.56
C ASP A 224 9.54 -7.23 -2.19
N GLY A 225 10.60 -6.96 -2.96
CA GLY A 225 10.85 -5.62 -3.48
C GLY A 225 9.73 -5.06 -4.32
N PHE A 226 9.03 -5.90 -5.07
CA PHE A 226 7.92 -5.40 -5.87
C PHE A 226 6.75 -4.96 -4.99
N THR A 227 6.28 -5.86 -4.11
CA THR A 227 5.18 -5.51 -3.22
C THR A 227 5.56 -4.36 -2.31
N GLY A 228 6.80 -4.34 -1.82
CA GLY A 228 7.22 -3.25 -0.95
C GLY A 228 7.24 -1.92 -1.67
N ASN A 229 7.74 -1.91 -2.92
CA ASN A 229 7.76 -0.67 -3.72
C ASN A 229 6.34 -0.16 -3.94
N VAL A 230 5.44 -1.05 -4.35
CA VAL A 230 4.03 -0.67 -4.51
C VAL A 230 3.44 -0.16 -3.19
N THR A 231 3.80 -0.78 -2.06
CA THR A 231 3.28 -0.37 -0.76
C THR A 231 3.74 1.04 -0.42
N LEU A 232 5.03 1.30 -0.59
CA LEU A 232 5.60 2.60 -0.26
C LEU A 232 4.99 3.70 -1.12
N LYS A 233 4.83 3.46 -2.43
CA LYS A 233 4.23 4.49 -3.26
C LYS A 233 2.74 4.69 -2.92
N THR A 234 2.05 3.60 -2.57
CA THR A 234 0.66 3.75 -2.13
C THR A 234 0.61 4.63 -0.88
N LEU A 235 1.54 4.43 0.05
CA LEU A 235 1.57 5.26 1.25
C LEU A 235 1.79 6.73 0.90
N GLU A 236 2.70 6.99 -0.04
CA GLU A 236 2.99 8.37 -0.43
C GLU A 236 1.78 9.04 -1.05
N GLY A 237 1.15 8.38 -2.04
CA GLY A 237 -0.05 8.96 -2.65
C GLY A 237 -1.20 9.16 -1.68
N SER A 238 -1.37 8.22 -0.74
CA SER A 238 -2.40 8.39 0.27
C SER A 238 -2.11 9.59 1.16
N ALA A 239 -0.84 9.76 1.57
CA ALA A 239 -0.47 10.95 2.35
C ALA A 239 -0.76 12.24 1.58
N LEU A 240 -0.45 12.29 0.29
CA LEU A 240 -0.75 13.50 -0.47
C LEU A 240 -2.25 13.76 -0.56
N SER A 241 -3.03 12.71 -0.79
CA SER A 241 -4.47 12.90 -0.88
C SER A 241 -5.05 13.44 0.43
N ILE A 242 -4.64 12.86 1.56
CA ILE A 242 -5.22 13.32 2.82
C ILE A 242 -4.75 14.73 3.16
N PHE A 243 -3.48 15.05 2.88
CA PHE A 243 -3.04 16.42 3.13
C PHE A 243 -3.83 17.43 2.30
N LYS A 244 -4.11 17.07 1.06
CA LYS A 244 -4.88 17.92 0.16
C LYS A 244 -6.29 18.15 0.68
N MET A 245 -6.93 17.10 1.18
CA MET A 245 -8.28 17.24 1.73
C MET A 245 -8.28 18.09 2.99
N MET A 246 -7.27 17.90 3.85
CA MET A 246 -7.17 18.68 5.08
C MET A 246 -6.89 20.15 4.78
N ARG A 247 -6.04 20.42 3.80
CA ARG A 247 -5.76 21.81 3.46
C ARG A 247 -7.01 22.49 2.94
N ASP A 248 -7.83 21.75 2.21
CA ASP A 248 -9.08 22.34 1.75
C ASP A 248 -10.01 22.62 2.92
N VAL A 249 -10.06 21.72 3.91
CA VAL A 249 -10.94 21.94 5.05
C VAL A 249 -10.47 23.13 5.90
N MET A 250 -9.16 23.27 6.10
CA MET A 250 -8.62 24.32 6.97
C MET A 250 -8.44 25.66 6.29
N THR A 251 -8.60 25.74 4.96
CA THR A 251 -8.42 26.99 4.24
C THR A 251 -9.66 27.36 3.42
N SER A 252 -10.80 26.75 3.72
CA SER A 252 -12.01 27.02 2.97
C SER A 252 -12.71 28.30 3.41
N THR A 253 -13.32 28.98 2.43
CA THR A 253 -14.06 30.21 2.69
C THR A 253 -15.30 29.95 3.54
N LEU A 254 -15.89 28.76 3.42
CA LEU A 254 -17.08 28.42 4.19
C LEU A 254 -16.81 28.36 5.69
N THR A 255 -15.58 28.04 6.08
CA THR A 255 -15.27 27.95 7.49
C THR A 255 -15.10 29.36 8.10
N SER A 256 -15.12 29.40 9.42
CA SER A 256 -14.90 30.64 10.16
C SER A 256 -13.57 31.26 9.77
N LYS A 257 -13.60 32.57 9.48
CA LYS A 257 -12.37 33.26 9.14
C LYS A 257 -11.41 33.27 10.32
N LEU A 258 -11.95 33.42 11.54
CA LEU A 258 -11.11 33.36 12.74
C LEU A 258 -10.38 32.03 12.85
N ALA A 259 -10.98 30.94 12.40
CA ALA A 259 -10.26 29.68 12.44
C ALA A 259 -8.97 29.73 11.62
N ALA A 260 -8.58 30.96 11.19
CA ALA A 260 -7.25 31.31 10.64
C ALA A 260 -6.14 31.09 11.65
N ALA A 261 -6.51 30.97 12.93
CA ALA A 261 -5.57 30.45 13.92
C ALA A 261 -4.95 29.14 13.43
N VAL A 262 -5.69 28.39 12.59
CA VAL A 262 -5.26 27.07 12.14
C VAL A 262 -4.32 27.11 10.94
N LEU A 263 -4.04 28.29 10.34
CA LEU A 263 -3.18 28.29 9.15
C LEU A 263 -1.81 27.70 9.45
N LYS A 264 -1.20 28.09 10.57
CA LYS A 264 0.12 27.59 10.93
C LYS A 264 0.19 26.07 11.12
N PRO A 265 -0.82 25.38 11.67
CA PRO A 265 -0.73 23.91 11.73
C PRO A 265 -0.61 23.20 10.39
N LYS A 266 -0.89 23.84 9.24
CA LYS A 266 -0.81 23.10 7.99
C LYS A 266 0.59 22.58 7.76
N LEU A 267 1.59 23.41 8.01
CA LEU A 267 2.97 22.98 7.85
C LEU A 267 3.27 21.82 8.79
N LYS A 268 2.83 21.92 10.05
CA LYS A 268 3.07 20.83 10.98
C LYS A 268 2.45 19.54 10.47
N GLU A 269 1.27 19.63 9.87
CA GLU A 269 0.62 18.43 9.38
C GLU A 269 1.40 17.83 8.22
N MET A 270 1.87 18.70 7.32
CA MET A 270 2.71 18.23 6.23
C MET A 270 3.94 17.52 6.76
N LYS A 271 4.49 18.04 7.88
CA LYS A 271 5.71 17.44 8.40
C LYS A 271 5.47 16.04 8.91
N MET A 272 4.30 15.79 9.53
CA MET A 272 4.13 14.56 10.29
C MET A 272 4.20 13.31 9.42
N LYS A 273 3.60 13.35 8.23
CA LYS A 273 3.62 12.16 7.39
C LYS A 273 4.54 12.28 6.19
N MET A 274 4.52 13.42 5.51
CA MET A 274 5.25 13.53 4.24
C MET A 274 6.75 13.34 4.43
N GLU A 275 7.31 13.92 5.48
CA GLU A 275 8.75 13.87 5.75
C GLU A 275 9.05 12.83 6.83
N TYR A 276 9.40 11.60 6.41
CA TYR A 276 10.03 10.64 7.33
C TYR A 276 11.56 10.67 7.29
N SER A 277 12.16 11.73 6.72
CA SER A 277 13.62 11.82 6.66
C SER A 277 14.25 11.97 8.04
N ASN A 278 13.49 12.45 9.05
CA ASN A 278 14.02 12.54 10.41
C ASN A 278 14.44 11.17 10.94
N TYR A 279 13.96 10.08 10.32
CA TYR A 279 14.37 8.72 10.71
C TYR A 279 15.70 8.28 10.11
N GLY A 280 16.20 8.98 9.08
CA GLY A 280 17.55 8.74 8.58
C GLY A 280 17.67 8.44 7.10
N GLY A 281 16.65 7.88 6.49
CA GLY A 281 16.85 7.56 5.08
C GLY A 281 16.90 6.05 4.83
N ALA A 282 16.79 5.68 3.56
CA ALA A 282 16.68 4.27 3.19
C ALA A 282 18.05 3.61 3.17
N SER A 283 18.21 2.58 3.99
CA SER A 283 19.48 1.88 4.07
C SER A 283 19.51 0.71 3.08
N LEU A 284 20.66 0.51 2.43
CA LEU A 284 20.87 -0.68 1.59
C LEU A 284 21.51 -1.78 2.43
N PHE A 285 20.66 -2.64 2.99
CA PHE A 285 21.09 -3.76 3.83
C PHE A 285 21.66 -4.89 2.99
N GLY A 286 22.71 -5.51 3.48
CA GLY A 286 23.33 -6.61 2.79
C GLY A 286 24.64 -6.28 2.12
N LEU A 287 25.03 -5.02 2.07
CA LEU A 287 26.32 -4.59 1.56
C LEU A 287 27.38 -4.63 2.66
N LYS A 288 28.65 -4.66 2.24
CA LYS A 288 29.75 -4.82 3.20
C LYS A 288 29.87 -3.66 4.17
N ALA A 289 29.39 -2.47 3.79
CA ALA A 289 29.38 -1.31 4.64
C ALA A 289 28.03 -0.62 4.54
N PRO A 290 27.70 0.27 5.47
CA PRO A 290 26.43 1.01 5.36
C PRO A 290 26.45 1.95 4.17
N VAL A 291 25.43 1.81 3.32
CA VAL A 291 25.17 2.66 2.17
C VAL A 291 23.76 3.19 2.32
N ILE A 292 23.61 4.51 2.40
CA ILE A 292 22.32 5.12 2.70
C ILE A 292 21.86 6.01 1.56
N LYS A 293 20.64 5.76 1.09
CA LYS A 293 20.00 6.57 0.08
C LYS A 293 19.22 7.66 0.82
N ALA A 294 19.72 8.88 0.80
CA ALA A 294 18.95 9.97 1.36
C ALA A 294 17.87 10.36 0.37
N HIS A 295 16.74 10.81 0.91
CA HIS A 295 15.61 11.18 0.06
C HIS A 295 16.04 12.28 -0.90
N GLY A 296 15.51 12.20 -2.13
CA GLY A 296 15.90 13.15 -3.15
C GLY A 296 15.63 14.59 -2.76
N SER A 297 14.56 14.83 -2.00
CA SER A 297 14.25 16.18 -1.57
C SER A 297 14.84 16.54 -0.21
N SER A 298 15.89 15.82 0.22
CA SER A 298 16.48 16.05 1.53
C SER A 298 16.94 17.50 1.67
N ASP A 299 16.55 18.13 2.77
CA ASP A 299 17.13 19.41 3.17
C ASP A 299 18.30 19.14 4.10
N SER A 300 18.83 20.18 4.74
CA SER A 300 20.02 19.99 5.57
C SER A 300 19.75 19.08 6.76
N ASN A 301 18.58 19.22 7.42
CA ASN A 301 18.24 18.35 8.56
C ASN A 301 18.14 16.89 8.15
N ALA A 302 17.55 16.61 6.98
CA ALA A 302 17.48 15.24 6.49
C ALA A 302 18.87 14.63 6.29
N VAL A 303 19.79 15.41 5.71
CA VAL A 303 21.16 14.94 5.52
C VAL A 303 21.80 14.69 6.86
N PHE A 304 21.56 15.59 7.83
CA PHE A 304 22.10 15.41 9.17
C PHE A 304 21.60 14.11 9.80
N HIS A 305 20.32 13.80 9.66
CA HIS A 305 19.79 12.57 10.25
C HIS A 305 20.31 11.32 9.55
N ALA A 306 20.51 11.40 8.23
CA ALA A 306 21.16 10.30 7.53
C ALA A 306 22.58 10.08 8.05
N ILE A 307 23.28 11.16 8.34
CA ILE A 307 24.62 11.05 8.92
C ILE A 307 24.54 10.39 10.29
N ARG A 308 23.58 10.80 11.11
CA ARG A 308 23.46 10.26 12.46
C ARG A 308 23.19 8.75 12.42
N GLN A 309 22.32 8.33 11.50
CA GLN A 309 22.01 6.93 11.31
C GLN A 309 23.22 6.14 10.82
N ALA A 310 23.97 6.68 9.84
CA ALA A 310 25.15 5.98 9.33
C ALA A 310 26.21 5.83 10.40
N ARG A 311 26.39 6.87 11.21
CA ARG A 311 27.31 6.83 12.33
C ARG A 311 26.94 5.71 13.32
N GLU A 312 25.66 5.60 13.68
CA GLU A 312 25.27 4.50 14.57
C GLU A 312 25.46 3.14 13.90
N MET A 313 25.19 3.03 12.60
CA MET A 313 25.36 1.75 11.92
C MET A 313 26.81 1.32 11.95
N VAL A 314 27.73 2.26 11.80
CA VAL A 314 29.15 1.93 11.86
C VAL A 314 29.56 1.60 13.30
N SER A 315 29.27 2.51 14.24
CA SER A 315 29.75 2.33 15.61
C SER A 315 29.15 1.09 16.26
N GLN A 316 27.93 0.70 15.87
CA GLN A 316 27.29 -0.47 16.44
C GLN A 316 27.53 -1.73 15.63
N ASN A 317 28.47 -1.69 14.68
CA ASN A 317 28.96 -2.86 13.95
C ASN A 317 27.84 -3.66 13.30
N VAL A 318 26.88 -2.97 12.67
CA VAL A 318 25.72 -3.67 12.12
C VAL A 318 26.13 -4.69 11.06
N ALA A 319 27.03 -4.31 10.14
CA ALA A 319 27.39 -5.22 9.05
C ALA A 319 27.99 -6.52 9.58
N ALA A 320 28.93 -6.43 10.52
CA ALA A 320 29.55 -7.64 11.07
C ALA A 320 28.53 -8.49 11.81
N LEU A 321 27.60 -7.85 12.54
CA LEU A 321 26.59 -8.59 13.27
C LEU A 321 25.67 -9.32 12.30
N ILE A 322 25.35 -8.68 11.17
CA ILE A 322 24.56 -9.34 10.15
C ILE A 322 25.32 -10.53 9.57
N GLN A 323 26.61 -10.36 9.35
CA GLN A 323 27.39 -11.48 8.81
C GLN A 323 27.35 -12.66 9.76
N GLU A 324 27.53 -12.40 11.05
CA GLU A 324 27.47 -13.50 12.03
C GLU A 324 26.09 -14.13 12.09
N GLU A 325 25.03 -13.32 12.10
CA GLU A 325 23.67 -13.83 12.27
C GLU A 325 23.15 -14.68 11.10
N VAL A 326 23.88 -14.83 10.00
CA VAL A 326 23.40 -15.63 8.87
C VAL A 326 24.37 -16.74 8.49
N MET B 1 -36.84 -6.00 -10.14
CA MET B 1 -35.49 -6.38 -9.73
C MET B 1 -35.46 -6.89 -8.30
N ARG B 2 -34.95 -8.11 -8.11
CA ARG B 2 -34.89 -8.76 -6.81
C ARG B 2 -33.45 -9.04 -6.43
N ILE B 3 -33.06 -8.64 -5.23
CA ILE B 3 -31.71 -8.87 -4.72
C ILE B 3 -31.82 -9.65 -3.42
N ALA B 4 -31.04 -10.71 -3.31
CA ALA B 4 -30.97 -11.50 -2.08
C ALA B 4 -29.83 -10.96 -1.22
N VAL B 5 -30.13 -10.67 0.05
CA VAL B 5 -29.17 -10.09 0.97
C VAL B 5 -29.04 -10.99 2.18
N ASP B 6 -27.80 -11.27 2.57
CA ASP B 6 -27.48 -12.04 3.76
C ASP B 6 -27.65 -11.12 4.99
N ALA B 7 -28.68 -11.39 5.79
CA ALA B 7 -28.95 -10.60 6.98
C ALA B 7 -28.01 -10.91 8.15
N MET B 8 -27.30 -12.04 8.14
CA MET B 8 -26.55 -12.46 9.33
C MET B 8 -25.07 -12.10 9.31
N GLY B 9 -24.43 -12.02 8.15
CA GLY B 9 -23.01 -11.70 8.11
C GLY B 9 -22.70 -10.24 8.36
N GLY B 10 -21.59 -10.00 9.03
CA GLY B 10 -21.05 -8.68 9.23
C GLY B 10 -21.04 -8.27 10.70
N ASP B 11 -20.09 -7.38 11.05
CA ASP B 11 -19.88 -7.00 12.44
C ASP B 11 -21.13 -6.40 13.07
N HIS B 12 -21.85 -5.57 12.32
CA HIS B 12 -23.05 -4.90 12.83
C HIS B 12 -24.32 -5.54 12.32
N ALA B 13 -24.21 -6.75 11.75
CA ALA B 13 -25.37 -7.52 11.38
C ALA B 13 -26.04 -8.07 12.64
N PRO B 14 -27.37 -8.21 12.64
CA PRO B 14 -28.23 -7.97 11.47
C PRO B 14 -28.86 -6.57 11.40
N LYS B 15 -28.67 -5.74 12.42
CA LYS B 15 -29.38 -4.46 12.48
C LYS B 15 -28.98 -3.54 11.33
N ALA B 16 -27.68 -3.39 11.10
CA ALA B 16 -27.20 -2.48 10.05
C ALA B 16 -27.61 -2.97 8.66
N VAL B 17 -27.61 -4.29 8.45
CA VAL B 17 -28.02 -4.85 7.17
C VAL B 17 -29.50 -4.60 6.91
N ILE B 18 -30.33 -4.86 7.92
CA ILE B 18 -31.77 -4.63 7.77
C ILE B 18 -32.08 -3.15 7.56
N ASP B 19 -31.42 -2.28 8.32
CA ASP B 19 -31.60 -0.84 8.14
C ASP B 19 -31.15 -0.37 6.76
N GLY B 20 -30.03 -0.92 6.26
CA GLY B 20 -29.58 -0.55 4.93
C GLY B 20 -30.53 -1.02 3.84
N VAL B 21 -31.09 -2.22 4.02
CA VAL B 21 -32.09 -2.76 3.10
C VAL B 21 -33.33 -1.88 3.08
N ILE B 22 -33.77 -1.43 4.25
CA ILE B 22 -34.93 -0.54 4.32
C ILE B 22 -34.63 0.78 3.60
N LYS B 23 -33.41 1.32 3.76
CA LYS B 23 -33.03 2.52 3.02
C LYS B 23 -33.06 2.30 1.51
N GLY B 24 -32.58 1.15 1.05
CA GLY B 24 -32.64 0.87 -0.38
C GLY B 24 -34.06 0.75 -0.88
N ILE B 25 -34.92 0.08 -0.12
CA ILE B 25 -36.33 -0.07 -0.48
C ILE B 25 -37.00 1.30 -0.55
N GLU B 26 -36.67 2.20 0.38
CA GLU B 26 -37.27 3.52 0.36
C GLU B 26 -36.74 4.37 -0.81
N ALA B 27 -35.45 4.21 -1.18
CA ALA B 27 -34.88 5.02 -2.26
C ALA B 27 -35.28 4.54 -3.65
N PHE B 28 -35.43 3.23 -3.83
CA PHE B 28 -35.65 2.64 -5.15
C PHE B 28 -37.00 1.95 -5.22
N ASP B 29 -37.90 2.52 -6.03
CA ASP B 29 -39.25 1.98 -6.23
C ASP B 29 -39.24 0.55 -6.74
N ASP B 30 -38.35 0.25 -7.69
CA ASP B 30 -38.27 -1.03 -8.39
C ASP B 30 -37.63 -2.17 -7.59
N LEU B 31 -37.12 -1.91 -6.39
CA LEU B 31 -36.29 -2.89 -5.71
C LEU B 31 -37.12 -3.86 -4.86
N HIS B 32 -36.84 -5.15 -5.02
CA HIS B 32 -37.36 -6.21 -4.16
C HIS B 32 -36.19 -6.88 -3.48
N ILE B 33 -36.30 -7.08 -2.17
CA ILE B 33 -35.21 -7.65 -1.39
C ILE B 33 -35.69 -8.92 -0.69
N THR B 34 -34.89 -9.97 -0.81
CA THR B 34 -35.06 -11.17 -0.01
C THR B 34 -34.01 -11.17 1.08
N LEU B 35 -34.45 -11.04 2.32
CA LEU B 35 -33.57 -10.99 3.48
C LEU B 35 -33.43 -12.42 4.00
N VAL B 36 -32.20 -12.92 4.06
CA VAL B 36 -31.94 -14.32 4.36
C VAL B 36 -31.32 -14.41 5.74
N GLY B 37 -31.97 -15.14 6.63
CA GLY B 37 -31.42 -15.34 7.97
C GLY B 37 -32.48 -15.90 8.90
N ASP B 38 -32.23 -15.73 10.19
CA ASP B 38 -33.15 -16.21 11.22
C ASP B 38 -34.42 -15.36 11.24
N LYS B 39 -35.56 -15.99 10.94
CA LYS B 39 -36.81 -15.26 10.72
C LYS B 39 -37.21 -14.45 11.95
N THR B 40 -37.17 -15.05 13.13
CA THR B 40 -37.54 -14.34 14.35
C THR B 40 -36.60 -13.15 14.62
N THR B 41 -35.29 -13.38 14.48
CA THR B 41 -34.32 -12.29 14.68
C THR B 41 -34.53 -11.16 13.69
N ILE B 42 -34.76 -11.50 12.41
CA ILE B 42 -34.99 -10.47 11.39
C ILE B 42 -36.26 -9.69 11.70
N GLU B 43 -37.32 -10.41 12.07
CA GLU B 43 -38.58 -9.76 12.36
C GLU B 43 -38.48 -8.85 13.58
N SER B 44 -37.56 -9.15 14.50
CA SER B 44 -37.36 -8.25 15.64
C SER B 44 -36.91 -6.86 15.17
N HIS B 45 -36.02 -6.81 14.18
CA HIS B 45 -35.46 -5.55 13.70
C HIS B 45 -36.28 -4.89 12.60
N LEU B 46 -37.35 -5.51 12.10
CA LEU B 46 -38.05 -4.93 10.95
C LEU B 46 -39.06 -3.89 11.41
N THR B 47 -38.69 -2.62 11.26
CA THR B 47 -39.54 -1.49 11.60
C THR B 47 -40.53 -1.18 10.48
N THR B 48 -40.34 -1.79 9.32
CA THR B 48 -41.15 -1.54 8.14
C THR B 48 -42.12 -2.69 7.89
N THR B 49 -43.22 -2.37 7.23
CA THR B 49 -44.16 -3.36 6.71
C THR B 49 -44.20 -3.02 5.23
N SER B 50 -43.50 -3.81 4.42
CA SER B 50 -43.43 -3.55 2.98
C SER B 50 -43.49 -4.86 2.22
N ASP B 51 -44.35 -4.90 1.20
CA ASP B 51 -44.51 -6.10 0.39
C ASP B 51 -43.25 -6.43 -0.40
N ARG B 52 -42.26 -5.53 -0.42
CA ARG B 52 -41.08 -5.75 -1.23
C ARG B 52 -39.89 -6.23 -0.41
N ILE B 53 -40.12 -6.56 0.86
CA ILE B 53 -39.13 -7.22 1.70
C ILE B 53 -39.72 -8.58 2.05
N THR B 54 -39.02 -9.65 1.68
CA THR B 54 -39.44 -11.00 2.03
C THR B 54 -38.36 -11.63 2.89
N VAL B 55 -38.76 -12.43 3.87
CA VAL B 55 -37.82 -13.06 4.80
C VAL B 55 -37.72 -14.54 4.48
N LEU B 56 -36.50 -15.02 4.27
CA LEU B 56 -36.23 -16.42 4.00
C LEU B 56 -35.44 -16.95 5.19
N HIS B 57 -36.00 -17.96 5.87
CA HIS B 57 -35.41 -18.48 7.09
C HIS B 57 -34.18 -19.34 6.81
N ALA B 58 -33.12 -19.09 7.57
CA ALA B 58 -31.88 -19.86 7.50
C ALA B 58 -31.55 -20.31 8.91
N ASP B 59 -31.47 -21.63 9.11
CA ASP B 59 -31.26 -22.18 10.44
C ASP B 59 -29.83 -21.94 10.94
N GLU B 60 -28.85 -21.86 10.06
CA GLU B 60 -27.46 -21.77 10.48
C GLU B 60 -26.78 -20.56 9.84
N VAL B 61 -25.61 -20.21 10.38
CA VAL B 61 -24.83 -19.10 9.87
C VAL B 61 -23.38 -19.53 9.75
N ILE B 62 -22.70 -19.00 8.74
CA ILE B 62 -21.27 -19.21 8.56
C ILE B 62 -20.56 -18.11 9.34
N GLU B 63 -19.75 -18.52 10.33
CA GLU B 63 -19.10 -17.59 11.23
C GLU B 63 -17.82 -17.05 10.60
N PRO B 64 -17.24 -15.98 11.16
CA PRO B 64 -16.03 -15.43 10.56
C PRO B 64 -14.85 -16.37 10.65
N THR B 65 -14.84 -17.30 11.61
CA THR B 65 -13.75 -18.25 11.78
C THR B 65 -13.95 -19.57 11.02
N ASP B 66 -15.09 -19.78 10.35
CA ASP B 66 -15.32 -21.04 9.66
C ASP B 66 -14.47 -21.14 8.38
N GLU B 67 -14.15 -22.38 8.00
CA GLU B 67 -13.41 -22.64 6.77
C GLU B 67 -14.34 -22.49 5.57
N PRO B 68 -13.91 -21.80 4.51
CA PRO B 68 -14.85 -21.50 3.40
C PRO B 68 -15.43 -22.72 2.70
N VAL B 69 -14.60 -23.63 2.20
CA VAL B 69 -15.14 -24.78 1.47
C VAL B 69 -15.95 -25.66 2.39
N ARG B 70 -15.39 -25.99 3.56
CA ARG B 70 -16.07 -26.89 4.49
C ARG B 70 -17.38 -26.29 5.00
N ALA B 71 -17.37 -25.00 5.37
CA ALA B 71 -18.62 -24.40 5.82
C ALA B 71 -19.65 -24.35 4.70
N VAL B 72 -19.23 -24.00 3.48
CA VAL B 72 -20.20 -23.86 2.40
C VAL B 72 -20.84 -25.20 2.06
N ARG B 73 -20.03 -26.28 2.03
CA ARG B 73 -20.58 -27.61 1.75
C ARG B 73 -21.38 -28.15 2.92
N ARG B 74 -20.88 -27.99 4.15
CA ARG B 74 -21.52 -28.59 5.32
C ARG B 74 -22.80 -27.85 5.71
N LYS B 75 -22.78 -26.52 5.67
CA LYS B 75 -23.90 -25.72 6.17
C LYS B 75 -24.81 -25.31 5.02
N LYS B 76 -25.53 -26.31 4.50
CA LYS B 76 -26.42 -26.11 3.37
C LYS B 76 -27.56 -25.13 3.67
N ASN B 77 -27.89 -24.91 4.95
CA ASN B 77 -28.98 -24.02 5.35
C ASN B 77 -28.45 -22.76 6.01
N SER B 78 -27.20 -22.38 5.74
CA SER B 78 -26.69 -21.12 6.22
C SER B 78 -27.29 -19.96 5.42
N SER B 79 -27.29 -18.77 6.03
CA SER B 79 -27.87 -17.61 5.35
C SER B 79 -27.11 -17.30 4.07
N MET B 80 -25.79 -17.48 4.08
CA MET B 80 -24.99 -17.18 2.89
C MET B 80 -25.28 -18.16 1.76
N VAL B 81 -25.39 -19.44 2.09
CA VAL B 81 -25.63 -20.46 1.08
C VAL B 81 -27.04 -20.33 0.52
N LEU B 82 -28.04 -20.15 1.39
CA LEU B 82 -29.41 -19.99 0.90
C LEU B 82 -29.52 -18.73 0.03
N MET B 83 -28.82 -17.67 0.40
CA MET B 83 -28.79 -16.45 -0.40
C MET B 83 -28.24 -16.73 -1.80
N ALA B 84 -27.11 -17.45 -1.87
CA ALA B 84 -26.53 -17.78 -3.16
C ALA B 84 -27.44 -18.72 -3.96
N GLN B 85 -28.11 -19.66 -3.29
CA GLN B 85 -29.01 -20.57 -3.99
C GLN B 85 -30.17 -19.81 -4.63
N GLU B 86 -30.65 -18.75 -3.96
CA GLU B 86 -31.68 -17.90 -4.57
C GLU B 86 -31.23 -17.37 -5.92
N VAL B 87 -29.97 -16.93 -6.03
CA VAL B 87 -29.47 -16.45 -7.30
C VAL B 87 -29.38 -17.60 -8.31
N ALA B 88 -28.87 -18.75 -7.86
CA ALA B 88 -28.65 -19.89 -8.77
C ALA B 88 -29.97 -20.40 -9.32
N GLU B 89 -31.01 -20.42 -8.50
CA GLU B 89 -32.34 -20.87 -8.89
C GLU B 89 -33.17 -19.76 -9.55
N ASN B 90 -32.57 -18.62 -9.88
CA ASN B 90 -33.23 -17.52 -10.59
C ASN B 90 -34.38 -16.91 -9.78
N ARG B 91 -34.38 -17.06 -8.47
CA ARG B 91 -35.30 -16.35 -7.59
C ARG B 91 -34.76 -14.98 -7.16
N ALA B 92 -33.53 -14.64 -7.55
CA ALA B 92 -32.94 -13.34 -7.32
C ALA B 92 -31.97 -13.04 -8.46
N ASP B 93 -31.80 -11.74 -8.77
CA ASP B 93 -30.88 -11.30 -9.81
C ASP B 93 -29.47 -11.01 -9.34
N ALA B 94 -29.29 -10.80 -8.03
CA ALA B 94 -27.99 -10.45 -7.46
C ALA B 94 -28.04 -10.83 -5.98
N CYS B 95 -26.87 -10.88 -5.35
CA CYS B 95 -26.84 -11.11 -3.91
C CYS B 95 -25.72 -10.31 -3.25
N ILE B 96 -25.91 -10.00 -1.97
CA ILE B 96 -24.98 -9.19 -1.21
C ILE B 96 -24.77 -9.81 0.14
N SER B 97 -23.51 -9.92 0.56
CA SER B 97 -23.23 -10.33 1.93
C SER B 97 -22.08 -9.50 2.49
N ALA B 98 -22.15 -9.21 3.78
CA ALA B 98 -21.02 -8.63 4.51
C ALA B 98 -20.26 -9.67 5.28
N GLY B 99 -20.58 -10.95 5.10
CA GLY B 99 -20.00 -12.02 5.88
C GLY B 99 -18.63 -12.44 5.39
N ASN B 100 -18.22 -13.63 5.84
CA ASN B 100 -16.87 -14.14 5.63
C ASN B 100 -16.50 -14.12 4.15
N THR B 101 -15.42 -13.40 3.85
CA THR B 101 -15.01 -13.15 2.47
C THR B 101 -14.70 -14.44 1.71
N GLY B 102 -13.88 -15.31 2.31
CA GLY B 102 -13.56 -16.56 1.66
C GLY B 102 -14.79 -17.41 1.44
N ALA B 103 -15.68 -17.45 2.44
CA ALA B 103 -16.92 -18.20 2.30
C ALA B 103 -17.78 -17.65 1.17
N LEU B 104 -17.88 -16.32 1.07
CA LEU B 104 -18.73 -15.72 0.03
C LEU B 104 -18.17 -15.99 -1.36
N MET B 105 -16.84 -15.91 -1.52
CA MET B 105 -16.24 -16.19 -2.81
C MET B 105 -16.41 -17.66 -3.18
N THR B 106 -16.25 -18.56 -2.20
CA THR B 106 -16.49 -19.98 -2.44
C THR B 106 -17.95 -20.24 -2.84
N ALA B 107 -18.91 -19.63 -2.13
CA ALA B 107 -20.31 -19.81 -2.48
C ALA B 107 -20.59 -19.28 -3.89
N GLY B 108 -20.01 -18.13 -4.23
CA GLY B 108 -20.18 -17.64 -5.58
C GLY B 108 -19.66 -18.62 -6.59
N LEU B 109 -18.47 -19.16 -6.34
CA LEU B 109 -17.86 -20.12 -7.26
C LEU B 109 -18.68 -21.42 -7.33
N PHE B 110 -19.04 -21.98 -6.16
CA PHE B 110 -19.73 -23.27 -6.10
C PHE B 110 -21.18 -23.18 -6.55
N ILE B 111 -21.91 -22.16 -6.08
CA ILE B 111 -23.37 -22.11 -6.29
C ILE B 111 -23.75 -21.27 -7.49
N VAL B 112 -23.25 -20.03 -7.57
CA VAL B 112 -23.60 -19.15 -8.67
C VAL B 112 -22.90 -19.56 -9.95
N GLY B 113 -21.61 -19.88 -9.87
CA GLY B 113 -20.88 -20.40 -11.00
C GLY B 113 -20.22 -19.31 -11.84
N ARG B 114 -19.20 -19.71 -12.59
CA ARG B 114 -18.43 -18.80 -13.39
C ARG B 114 -19.02 -18.64 -14.78
N ILE B 115 -18.91 -17.44 -15.33
CA ILE B 115 -19.21 -17.21 -16.74
C ILE B 115 -18.31 -18.08 -17.59
N LYS B 116 -18.86 -18.64 -18.66
CA LYS B 116 -18.09 -19.46 -19.58
C LYS B 116 -16.95 -18.64 -20.18
N GLY B 117 -15.74 -19.17 -20.08
CA GLY B 117 -14.55 -18.50 -20.57
C GLY B 117 -13.75 -17.76 -19.53
N ILE B 118 -14.24 -17.61 -18.31
CA ILE B 118 -13.49 -17.00 -17.22
C ILE B 118 -12.88 -18.10 -16.37
N ASP B 119 -11.55 -18.11 -16.26
CA ASP B 119 -10.88 -19.10 -15.43
C ASP B 119 -11.08 -18.79 -13.95
N ARG B 120 -10.78 -17.55 -13.53
CA ARG B 120 -10.90 -17.17 -12.13
C ARG B 120 -11.59 -15.82 -12.02
N PRO B 121 -12.62 -15.71 -11.18
CA PRO B 121 -13.25 -14.40 -10.95
C PRO B 121 -12.31 -13.51 -10.14
N ALA B 122 -12.64 -12.22 -10.13
CA ALA B 122 -11.81 -11.23 -9.44
C ALA B 122 -12.66 -10.38 -8.50
N LEU B 123 -12.05 -9.96 -7.41
CA LEU B 123 -12.68 -9.04 -6.46
C LEU B 123 -12.35 -7.61 -6.88
N ALA B 124 -13.38 -6.82 -7.19
CA ALA B 124 -13.20 -5.52 -7.84
C ALA B 124 -14.06 -4.43 -7.20
N PRO B 125 -13.51 -3.62 -6.30
CA PRO B 125 -14.21 -2.43 -5.80
C PRO B 125 -13.91 -1.19 -6.64
N THR B 126 -14.82 -0.24 -6.55
CA THR B 126 -14.65 1.09 -7.13
C THR B 126 -14.15 2.05 -6.05
N LEU B 127 -13.02 2.72 -6.30
CA LEU B 127 -12.37 3.61 -5.37
C LEU B 127 -12.52 5.07 -5.84
N PRO B 128 -12.49 6.03 -4.92
CA PRO B 128 -12.62 7.43 -5.31
C PRO B 128 -11.31 8.02 -5.82
N THR B 129 -11.45 9.10 -6.58
CA THR B 129 -10.31 9.89 -7.04
C THR B 129 -10.57 11.36 -6.74
N VAL B 130 -9.51 12.17 -6.89
CA VAL B 130 -9.60 13.59 -6.62
C VAL B 130 -10.66 14.24 -7.51
N SER B 131 -10.71 13.83 -8.78
CA SER B 131 -11.67 14.39 -9.72
C SER B 131 -13.11 13.95 -9.46
N GLY B 132 -13.32 12.91 -8.66
CA GLY B 132 -14.65 12.37 -8.53
C GLY B 132 -15.05 11.39 -9.61
N ASP B 133 -14.17 11.16 -10.60
CA ASP B 133 -14.45 10.17 -11.64
C ASP B 133 -14.39 8.74 -11.08
N GLY B 134 -13.47 8.48 -10.15
CA GLY B 134 -13.32 7.16 -9.57
C GLY B 134 -12.56 6.20 -10.49
N PHE B 135 -12.18 5.05 -9.94
CA PHE B 135 -11.53 4.02 -10.75
C PHE B 135 -11.77 2.65 -10.12
N LEU B 136 -11.67 1.63 -10.96
CA LEU B 136 -11.91 0.25 -10.55
C LEU B 136 -10.58 -0.44 -10.28
N LEU B 137 -10.44 -1.07 -9.12
CA LEU B 137 -9.22 -1.80 -8.77
C LEU B 137 -9.50 -3.30 -8.71
N LEU B 138 -8.71 -4.09 -9.44
CA LEU B 138 -8.92 -5.53 -9.42
C LEU B 138 -7.62 -6.21 -9.83
N ASP B 139 -7.40 -7.45 -9.40
CA ASP B 139 -8.05 -8.19 -8.32
C ASP B 139 -7.56 -7.84 -6.90
N VAL B 140 -8.47 -7.60 -5.96
CA VAL B 140 -8.00 -7.25 -4.62
C VAL B 140 -8.14 -8.44 -3.66
N GLY B 141 -7.86 -9.65 -4.16
CA GLY B 141 -7.80 -10.81 -3.26
C GLY B 141 -8.69 -12.03 -3.48
N ALA B 142 -9.38 -12.11 -4.61
CA ALA B 142 -10.09 -13.35 -4.92
C ALA B 142 -9.12 -14.52 -5.17
N ASN B 143 -8.01 -14.27 -5.85
CA ASN B 143 -7.03 -15.32 -6.14
C ASN B 143 -5.63 -14.77 -5.98
N VAL B 144 -4.95 -15.21 -4.92
CA VAL B 144 -3.70 -14.60 -4.50
C VAL B 144 -2.56 -14.87 -5.48
N ASP B 145 -2.54 -16.07 -6.07
CA ASP B 145 -1.56 -16.45 -7.09
C ASP B 145 -2.23 -16.37 -8.45
N ALA B 146 -1.74 -15.48 -9.32
CA ALA B 146 -2.36 -15.24 -10.60
C ALA B 146 -1.33 -15.47 -11.71
N LYS B 147 -1.83 -15.88 -12.87
CA LYS B 147 -1.09 -15.97 -14.12
C LYS B 147 -1.39 -14.76 -14.99
N PRO B 148 -0.56 -14.49 -15.99
CA PRO B 148 -0.72 -13.31 -16.85
C PRO B 148 -2.06 -13.31 -17.56
N GLU B 149 -2.51 -14.49 -17.96
CA GLU B 149 -3.79 -14.65 -18.63
C GLU B 149 -4.94 -14.21 -17.72
N HIS B 150 -4.85 -14.50 -16.43
CA HIS B 150 -5.88 -14.08 -15.49
C HIS B 150 -5.97 -12.56 -15.44
N LEU B 151 -4.82 -11.88 -15.41
CA LEU B 151 -4.81 -10.43 -15.38
C LEU B 151 -5.40 -9.85 -16.66
N VAL B 152 -5.14 -10.49 -17.81
CA VAL B 152 -5.74 -10.05 -19.06
C VAL B 152 -7.26 -10.12 -18.98
N GLN B 153 -7.77 -11.22 -18.43
CA GLN B 153 -9.22 -11.33 -18.25
C GLN B 153 -9.75 -10.26 -17.29
N TYR B 154 -8.99 -9.95 -16.23
CA TYR B 154 -9.41 -8.88 -15.33
C TYR B 154 -9.51 -7.56 -16.08
N ALA B 155 -8.55 -7.29 -16.98
CA ALA B 155 -8.59 -6.05 -17.75
C ALA B 155 -9.84 -6.01 -18.62
N ILE B 156 -10.18 -7.14 -19.27
CA ILE B 156 -11.35 -7.16 -20.14
C ILE B 156 -12.63 -6.92 -19.33
N MET B 157 -12.75 -7.62 -18.18
CA MET B 157 -13.96 -7.47 -17.36
C MET B 157 -14.07 -6.07 -16.77
N GLY B 158 -12.95 -5.54 -16.25
CA GLY B 158 -13.00 -4.21 -15.69
C GLY B 158 -13.35 -3.17 -16.74
N SER B 159 -12.80 -3.32 -17.94
CA SER B 159 -13.13 -2.39 -19.02
C SER B 159 -14.61 -2.46 -19.35
N VAL B 160 -15.16 -3.67 -19.42
CA VAL B 160 -16.58 -3.81 -19.74
C VAL B 160 -17.43 -3.13 -18.67
N TYR B 161 -17.09 -3.33 -17.40
CA TYR B 161 -17.85 -2.70 -16.33
C TYR B 161 -17.72 -1.17 -16.39
N SER B 162 -16.50 -0.67 -16.60
CA SER B 162 -16.28 0.77 -16.65
C SER B 162 -17.05 1.41 -17.79
N GLN B 163 -17.14 0.73 -18.93
CA GLN B 163 -17.86 1.27 -20.07
C GLN B 163 -19.37 1.21 -19.87
N GLN B 164 -19.90 0.04 -19.47
CA GLN B 164 -21.34 -0.16 -19.40
C GLN B 164 -21.98 0.47 -18.16
N VAL B 165 -21.33 0.34 -16.99
CA VAL B 165 -21.94 0.83 -15.76
C VAL B 165 -21.46 2.23 -15.42
N ARG B 166 -20.17 2.49 -15.56
CA ARG B 166 -19.59 3.78 -15.20
C ARG B 166 -19.64 4.79 -16.34
N GLY B 167 -20.12 4.41 -17.52
CA GLY B 167 -20.26 5.35 -18.63
C GLY B 167 -18.98 5.94 -19.16
N VAL B 168 -17.87 5.21 -19.09
CA VAL B 168 -16.60 5.66 -19.66
C VAL B 168 -16.50 5.05 -21.06
N THR B 169 -16.42 5.91 -22.08
CA THR B 169 -16.51 5.44 -23.46
C THR B 169 -15.35 4.52 -23.82
N SER B 170 -14.12 4.90 -23.47
CA SER B 170 -12.93 4.12 -23.80
C SER B 170 -12.09 3.96 -22.54
N PRO B 171 -12.43 2.99 -21.68
CA PRO B 171 -11.78 2.90 -20.37
C PRO B 171 -10.27 2.73 -20.50
N ARG B 172 -9.54 3.61 -19.83
CA ARG B 172 -8.09 3.52 -19.77
C ARG B 172 -7.71 2.42 -18.78
N VAL B 173 -6.96 1.44 -19.25
CA VAL B 173 -6.53 0.30 -18.44
C VAL B 173 -5.04 0.43 -18.17
N GLY B 174 -4.67 0.48 -16.90
CA GLY B 174 -3.28 0.54 -16.50
C GLY B 174 -2.91 -0.70 -15.71
N LEU B 175 -1.65 -1.10 -15.82
CA LEU B 175 -1.11 -2.24 -15.08
C LEU B 175 -0.38 -1.69 -13.87
N LEU B 176 -0.83 -2.06 -12.67
CA LEU B 176 -0.17 -1.56 -11.48
C LEU B 176 1.27 -2.05 -11.46
N ASN B 177 2.22 -1.12 -11.31
CA ASN B 177 3.62 -1.49 -11.49
C ASN B 177 4.50 -0.54 -10.70
N VAL B 178 5.80 -0.88 -10.67
CA VAL B 178 6.82 -0.08 -9.98
C VAL B 178 7.46 1.00 -10.85
N GLY B 179 7.20 1.02 -12.15
CA GLY B 179 7.77 2.03 -13.02
C GLY B 179 6.96 2.17 -14.29
N THR B 180 7.25 3.24 -15.05
CA THR B 180 6.59 3.43 -16.33
C THR B 180 7.20 2.61 -17.46
N GLU B 181 8.48 2.24 -17.36
CA GLU B 181 9.13 1.54 -18.46
C GLU B 181 8.57 0.13 -18.67
N ASP B 182 8.69 -0.32 -19.93
CA ASP B 182 8.11 -1.59 -20.38
C ASP B 182 8.71 -2.77 -19.63
N LYS B 183 9.99 -2.67 -19.26
CA LYS B 183 10.67 -3.77 -18.59
C LYS B 183 10.49 -3.73 -17.07
N LYS B 184 9.63 -2.87 -16.55
CA LYS B 184 9.47 -2.81 -15.10
C LYS B 184 8.59 -3.97 -14.61
N GLY B 185 8.77 -4.30 -13.33
CA GLY B 185 7.90 -5.22 -12.63
C GLY B 185 8.59 -6.55 -12.32
N ASN B 186 7.88 -7.38 -11.55
CA ASN B 186 8.37 -8.72 -11.33
C ASN B 186 7.99 -9.59 -12.53
N GLU B 187 8.32 -10.88 -12.50
CA GLU B 187 8.12 -11.72 -13.68
C GLU B 187 6.66 -11.70 -14.13
N LEU B 188 5.74 -11.88 -13.18
CA LEU B 188 4.33 -11.88 -13.54
C LEU B 188 3.92 -10.56 -14.19
N THR B 189 4.38 -9.45 -13.64
CA THR B 189 3.91 -8.14 -14.11
C THR B 189 4.47 -7.77 -15.49
N LYS B 190 5.76 -8.04 -15.75
CA LYS B 190 6.26 -7.71 -17.08
C LYS B 190 5.65 -8.60 -18.16
N GLN B 191 5.44 -9.89 -17.83
CA GLN B 191 4.77 -10.77 -18.79
C GLN B 191 3.36 -10.28 -19.08
N THR B 192 2.64 -9.90 -18.02
CA THR B 192 1.31 -9.34 -18.21
C THR B 192 1.38 -8.09 -19.07
N PHE B 193 2.39 -7.25 -18.87
CA PHE B 193 2.49 -6.04 -19.68
C PHE B 193 2.57 -6.39 -21.15
N GLN B 194 3.38 -7.40 -21.52
CA GLN B 194 3.48 -7.71 -22.95
C GLN B 194 2.16 -8.24 -23.49
N ILE B 195 1.49 -9.11 -22.74
CA ILE B 195 0.23 -9.65 -23.24
C ILE B 195 -0.83 -8.55 -23.32
N LEU B 196 -0.89 -7.67 -22.31
CA LEU B 196 -1.89 -6.60 -22.32
C LEU B 196 -1.67 -5.67 -23.50
N LYS B 197 -0.39 -5.40 -23.82
CA LYS B 197 -0.10 -4.58 -25.00
C LYS B 197 -0.59 -5.24 -26.28
N GLU B 198 -0.65 -6.58 -26.31
CA GLU B 198 -1.13 -7.25 -27.51
C GLU B 198 -2.62 -7.61 -27.47
N THR B 199 -3.35 -7.11 -26.47
CA THR B 199 -4.75 -7.48 -26.25
C THR B 199 -5.70 -6.56 -27.03
N ALA B 200 -6.59 -7.19 -27.81
CA ALA B 200 -7.37 -6.44 -28.79
C ALA B 200 -8.46 -5.60 -28.15
N ASN B 201 -9.16 -6.13 -27.15
CA ASN B 201 -10.43 -5.56 -26.71
C ASN B 201 -10.31 -4.45 -25.66
N ILE B 202 -9.11 -3.92 -25.41
CA ILE B 202 -8.92 -2.96 -24.32
C ILE B 202 -8.12 -1.77 -24.81
N ASN B 203 -8.31 -0.64 -24.09
CA ASN B 203 -7.51 0.58 -24.27
C ASN B 203 -6.41 0.59 -23.21
N PHE B 204 -5.32 -0.12 -23.51
CA PHE B 204 -4.20 -0.27 -22.58
C PHE B 204 -3.29 0.95 -22.64
N ILE B 205 -3.20 1.70 -21.53
CA ILE B 205 -2.35 2.89 -21.49
C ILE B 205 -1.01 2.64 -20.81
N GLY B 206 -0.73 1.41 -20.43
CA GLY B 206 0.58 1.07 -19.92
C GLY B 206 0.63 0.90 -18.41
N ASN B 207 1.85 0.95 -17.89
CA ASN B 207 2.08 0.81 -16.47
C ASN B 207 1.68 2.09 -15.74
N VAL B 208 1.11 1.95 -14.53
CA VAL B 208 0.78 3.08 -13.68
C VAL B 208 1.37 2.82 -12.30
N GLU B 209 1.89 3.87 -11.66
CA GLU B 209 2.46 3.74 -10.33
C GLU B 209 1.41 3.98 -9.26
N ALA B 210 1.60 3.32 -8.11
CA ALA B 210 0.57 3.36 -7.06
C ALA B 210 0.37 4.78 -6.52
N ARG B 211 1.42 5.61 -6.55
CA ARG B 211 1.34 6.97 -6.03
C ARG B 211 0.29 7.81 -6.75
N ASP B 212 -0.07 7.45 -7.98
CA ASP B 212 -1.04 8.24 -8.74
C ASP B 212 -2.43 7.65 -8.75
N LEU B 213 -2.69 6.57 -7.99
CA LEU B 213 -3.99 5.91 -8.10
C LEU B 213 -5.15 6.88 -7.83
N LEU B 214 -4.99 7.76 -6.85
CA LEU B 214 -6.09 8.63 -6.47
C LEU B 214 -6.19 9.87 -7.37
N ASP B 215 -5.30 10.01 -8.35
CA ASP B 215 -5.25 11.15 -9.25
C ASP B 215 -5.72 10.83 -10.66
N ASP B 216 -6.62 9.87 -10.82
CA ASP B 216 -7.21 9.54 -12.13
C ASP B 216 -6.15 9.18 -13.18
N VAL B 217 -5.18 8.34 -12.80
CA VAL B 217 -4.20 7.84 -13.77
C VAL B 217 -4.82 6.85 -14.74
N ALA B 218 -5.88 6.16 -14.32
CA ALA B 218 -6.52 5.13 -15.15
C ALA B 218 -7.96 4.94 -14.70
N ASP B 219 -8.79 4.45 -15.63
CA ASP B 219 -10.16 4.10 -15.27
C ASP B 219 -10.25 2.70 -14.65
N VAL B 220 -9.38 1.79 -15.08
CA VAL B 220 -9.31 0.41 -14.63
C VAL B 220 -7.86 0.10 -14.32
N VAL B 221 -7.58 -0.39 -13.12
CA VAL B 221 -6.21 -0.70 -12.69
C VAL B 221 -6.14 -2.18 -12.34
N VAL B 222 -5.21 -2.89 -13.01
CA VAL B 222 -5.14 -4.34 -12.96
C VAL B 222 -3.92 -4.79 -12.17
N THR B 223 -4.12 -5.79 -11.34
CA THR B 223 -3.05 -6.35 -10.52
C THR B 223 -3.42 -7.77 -10.13
N ASP B 224 -2.45 -8.50 -9.58
CA ASP B 224 -2.78 -9.78 -8.99
C ASP B 224 -3.37 -9.60 -7.60
N GLY B 225 -4.07 -10.63 -7.14
CA GLY B 225 -4.83 -10.54 -5.89
C GLY B 225 -4.00 -10.21 -4.66
N PHE B 226 -2.76 -10.72 -4.60
CA PHE B 226 -1.91 -10.43 -3.44
C PHE B 226 -1.53 -8.95 -3.41
N THR B 227 -0.97 -8.44 -4.52
CA THR B 227 -0.62 -7.03 -4.60
C THR B 227 -1.85 -6.14 -4.50
N GLY B 228 -2.95 -6.52 -5.14
CA GLY B 228 -4.16 -5.71 -5.08
C GLY B 228 -4.74 -5.62 -3.69
N ASN B 229 -4.74 -6.76 -2.97
CA ASN B 229 -5.17 -6.76 -1.58
C ASN B 229 -4.29 -5.85 -0.73
N VAL B 230 -2.96 -5.98 -0.87
CA VAL B 230 -2.05 -5.11 -0.12
C VAL B 230 -2.27 -3.64 -0.46
N THR B 231 -2.48 -3.33 -1.74
CA THR B 231 -2.66 -1.94 -2.16
C THR B 231 -3.94 -1.37 -1.56
N LEU B 232 -5.04 -2.09 -1.69
CA LEU B 232 -6.32 -1.60 -1.18
C LEU B 232 -6.29 -1.42 0.32
N LYS B 233 -5.73 -2.40 1.03
CA LYS B 233 -5.69 -2.29 2.49
C LYS B 233 -4.75 -1.19 2.94
N THR B 234 -3.66 -0.97 2.21
CA THR B 234 -2.79 0.16 2.51
C THR B 234 -3.55 1.46 2.39
N LEU B 235 -4.35 1.61 1.32
CA LEU B 235 -5.11 2.83 1.14
C LEU B 235 -6.11 3.07 2.28
N GLU B 236 -6.86 2.03 2.67
CA GLU B 236 -7.88 2.20 3.69
C GLU B 236 -7.28 2.48 5.07
N GLY B 237 -6.39 1.58 5.51
CA GLY B 237 -5.81 1.73 6.83
C GLY B 237 -4.95 2.98 6.94
N SER B 238 -4.20 3.27 5.88
CA SER B 238 -3.34 4.45 5.88
C SER B 238 -4.16 5.73 5.88
N ALA B 239 -5.28 5.77 5.15
CA ALA B 239 -6.11 6.97 5.22
C ALA B 239 -6.57 7.23 6.66
N LEU B 240 -7.01 6.17 7.38
CA LEU B 240 -7.41 6.36 8.77
C LEU B 240 -6.24 6.80 9.65
N SER B 241 -5.07 6.16 9.49
CA SER B 241 -3.89 6.49 10.29
C SER B 241 -3.43 7.93 10.05
N ILE B 242 -3.34 8.34 8.79
CA ILE B 242 -2.82 9.67 8.48
C ILE B 242 -3.81 10.74 8.93
N PHE B 243 -5.11 10.46 8.79
CA PHE B 243 -6.10 11.40 9.27
C PHE B 243 -5.97 11.59 10.78
N LYS B 244 -5.77 10.47 11.52
CA LYS B 244 -5.57 10.59 12.96
C LYS B 244 -4.30 11.38 13.28
N MET B 245 -3.22 11.13 12.55
CA MET B 245 -1.97 11.85 12.79
C MET B 245 -2.13 13.36 12.59
N MET B 246 -2.81 13.76 11.51
CA MET B 246 -2.98 15.19 11.24
C MET B 246 -3.93 15.84 12.23
N ARG B 247 -4.99 15.13 12.61
CA ARG B 247 -5.90 15.64 13.63
C ARG B 247 -5.23 15.79 15.00
N ASP B 248 -4.25 14.93 15.33
CA ASP B 248 -3.52 15.10 16.59
C ASP B 248 -2.79 16.44 16.67
N VAL B 249 -2.43 17.02 15.52
CA VAL B 249 -1.70 18.28 15.50
C VAL B 249 -2.48 19.38 16.22
N MET B 250 -3.81 19.39 16.09
CA MET B 250 -4.63 20.44 16.70
C MET B 250 -5.11 20.09 18.12
N THR B 251 -4.18 19.96 19.07
CA THR B 251 -4.57 19.75 20.47
C THR B 251 -3.78 20.69 21.40
N SER B 252 -4.44 21.81 21.74
CA SER B 252 -4.17 23.01 22.54
C SER B 252 -5.54 23.66 22.65
N THR B 253 -5.78 24.42 23.72
CA THR B 253 -7.16 24.86 23.91
C THR B 253 -7.64 25.76 22.76
N LEU B 254 -6.79 26.68 22.28
CA LEU B 254 -7.21 27.52 21.16
C LEU B 254 -7.32 26.73 19.87
N THR B 255 -6.44 25.74 19.69
CA THR B 255 -6.51 24.96 18.47
C THR B 255 -7.58 23.90 18.59
N SER B 256 -7.82 23.37 19.79
CA SER B 256 -8.97 22.50 19.98
C SER B 256 -10.26 23.23 19.60
N LYS B 257 -10.39 24.48 20.04
CA LYS B 257 -11.57 25.28 19.73
C LYS B 257 -11.70 25.53 18.23
N LEU B 258 -10.59 25.88 17.60
CA LEU B 258 -10.58 26.10 16.15
C LEU B 258 -10.91 24.82 15.42
N ALA B 259 -10.43 23.69 15.91
CA ALA B 259 -10.73 22.40 15.33
C ALA B 259 -12.21 22.05 15.48
N ALA B 260 -12.81 22.37 16.62
CA ALA B 260 -14.24 22.14 16.79
C ALA B 260 -15.08 23.00 15.86
N ALA B 261 -14.61 24.19 15.49
CA ALA B 261 -15.34 24.93 14.44
C ALA B 261 -15.40 24.13 13.13
N VAL B 262 -14.34 23.42 12.78
CA VAL B 262 -14.28 22.68 11.52
C VAL B 262 -14.80 21.25 11.70
N LEU B 263 -15.31 20.95 12.89
CA LEU B 263 -15.74 19.58 13.21
C LEU B 263 -16.76 19.06 12.22
N LYS B 264 -17.76 19.87 11.85
CA LYS B 264 -18.75 19.36 10.91
C LYS B 264 -18.16 19.01 9.54
N PRO B 265 -17.34 19.86 8.91
CA PRO B 265 -16.68 19.45 7.67
C PRO B 265 -15.74 18.28 7.82
N LYS B 266 -15.18 18.03 9.00
CA LYS B 266 -14.26 16.90 9.05
C LYS B 266 -15.01 15.61 9.34
N LEU B 267 -16.14 15.63 10.06
CA LEU B 267 -16.99 14.44 10.05
C LEU B 267 -17.38 14.14 8.62
N LYS B 268 -17.71 15.19 7.85
CA LYS B 268 -17.97 15.00 6.44
C LYS B 268 -16.76 14.43 5.71
N GLU B 269 -15.54 14.84 6.10
CA GLU B 269 -14.34 14.35 5.44
C GLU B 269 -14.10 12.88 5.74
N MET B 270 -14.28 12.48 7.01
CA MET B 270 -14.17 11.07 7.34
C MET B 270 -15.20 10.24 6.58
N LYS B 271 -16.43 10.76 6.42
CA LYS B 271 -17.43 9.99 5.68
C LYS B 271 -17.03 9.87 4.21
N MET B 272 -16.52 10.95 3.62
CA MET B 272 -16.12 10.96 2.22
C MET B 272 -14.94 10.03 1.99
N LYS B 273 -14.15 9.78 3.03
CA LYS B 273 -12.96 8.95 2.91
C LYS B 273 -13.30 7.46 2.94
N MET B 274 -14.38 7.08 3.63
CA MET B 274 -14.76 5.67 3.75
C MET B 274 -15.06 5.12 2.36
N GLU B 275 -14.35 4.06 1.98
CA GLU B 275 -14.50 3.56 0.62
C GLU B 275 -15.63 2.57 0.52
N TYR B 276 -16.27 2.24 1.65
CA TYR B 276 -17.56 1.57 1.56
C TYR B 276 -18.70 2.56 1.35
N SER B 277 -18.40 3.86 1.39
CA SER B 277 -19.38 4.88 1.07
C SER B 277 -19.35 5.26 -0.41
N ASN B 278 -18.14 5.45 -0.97
CA ASN B 278 -18.02 5.93 -2.35
C ASN B 278 -18.58 4.93 -3.36
N TYR B 279 -18.48 3.64 -3.06
CA TYR B 279 -19.07 2.60 -3.86
C TYR B 279 -19.74 1.64 -2.90
N GLY B 280 -20.27 0.55 -3.42
CA GLY B 280 -20.75 -0.45 -2.51
C GLY B 280 -19.58 -1.26 -2.02
N GLY B 281 -19.63 -2.55 -2.31
CA GLY B 281 -18.60 -3.48 -1.92
C GLY B 281 -17.84 -3.95 -3.15
N ALA B 282 -16.84 -4.76 -2.90
CA ALA B 282 -16.08 -5.30 -4.01
C ALA B 282 -16.93 -6.33 -4.74
N SER B 283 -17.11 -6.13 -6.04
CA SER B 283 -17.93 -7.00 -6.85
C SER B 283 -17.08 -8.15 -7.38
N LEU B 284 -17.64 -9.36 -7.42
CA LEU B 284 -16.91 -10.51 -7.95
C LEU B 284 -17.16 -10.65 -9.45
N PHE B 285 -16.26 -10.09 -10.25
CA PHE B 285 -16.43 -10.15 -11.70
C PHE B 285 -16.06 -11.53 -12.20
N GLY B 286 -16.88 -12.04 -13.13
CA GLY B 286 -16.67 -13.34 -13.71
C GLY B 286 -17.65 -14.40 -13.27
N LEU B 287 -18.51 -14.09 -12.31
CA LEU B 287 -19.60 -14.98 -11.96
C LEU B 287 -20.81 -14.66 -12.84
N LYS B 288 -21.73 -15.63 -12.93
CA LYS B 288 -22.89 -15.50 -13.82
C LYS B 288 -23.87 -14.41 -13.36
N ALA B 289 -23.88 -14.09 -12.09
CA ALA B 289 -24.73 -13.02 -11.57
C ALA B 289 -23.92 -12.17 -10.64
N PRO B 290 -24.36 -10.93 -10.37
CA PRO B 290 -23.63 -10.06 -9.45
C PRO B 290 -23.68 -10.57 -8.01
N VAL B 291 -22.49 -10.77 -7.44
CA VAL B 291 -22.32 -11.15 -6.05
C VAL B 291 -21.41 -10.10 -5.43
N ILE B 292 -21.91 -9.38 -4.43
CA ILE B 292 -21.17 -8.25 -3.88
C ILE B 292 -20.77 -8.53 -2.44
N LYS B 293 -19.47 -8.34 -2.17
CA LYS B 293 -18.92 -8.46 -0.83
C LYS B 293 -18.93 -7.06 -0.24
N ALA B 294 -19.86 -6.81 0.67
CA ALA B 294 -19.86 -5.59 1.44
C ALA B 294 -18.81 -5.71 2.55
N HIS B 295 -18.26 -4.57 2.94
CA HIS B 295 -17.22 -4.58 3.97
C HIS B 295 -17.75 -5.19 5.27
N GLY B 296 -16.87 -5.95 5.94
CA GLY B 296 -17.28 -6.62 7.18
C GLY B 296 -17.78 -5.67 8.25
N SER B 297 -17.25 -4.45 8.29
CA SER B 297 -17.71 -3.44 9.23
C SER B 297 -18.80 -2.55 8.65
N SER B 298 -19.54 -3.04 7.66
CA SER B 298 -20.57 -2.23 7.02
C SER B 298 -21.62 -1.77 8.02
N ASP B 299 -21.89 -0.47 7.99
CA ASP B 299 -23.06 0.09 8.64
C ASP B 299 -24.20 0.11 7.62
N SER B 300 -25.32 0.76 7.98
CA SER B 300 -26.48 0.77 7.09
C SER B 300 -26.17 1.51 5.78
N ASN B 301 -25.40 2.59 5.86
CA ASN B 301 -25.07 3.35 4.65
C ASN B 301 -24.24 2.51 3.66
N ALA B 302 -23.26 1.76 4.17
CA ALA B 302 -22.45 0.88 3.32
C ALA B 302 -23.32 -0.19 2.67
N VAL B 303 -24.22 -0.78 3.44
CA VAL B 303 -25.13 -1.79 2.89
C VAL B 303 -25.96 -1.19 1.78
N PHE B 304 -26.47 0.04 1.99
CA PHE B 304 -27.29 0.70 0.98
C PHE B 304 -26.51 0.90 -0.32
N HIS B 305 -25.26 1.38 -0.21
CA HIS B 305 -24.48 1.62 -1.42
C HIS B 305 -24.12 0.32 -2.11
N ALA B 306 -23.96 -0.77 -1.36
CA ALA B 306 -23.80 -2.07 -2.00
C ALA B 306 -25.06 -2.44 -2.78
N ILE B 307 -26.24 -2.14 -2.23
CA ILE B 307 -27.49 -2.42 -2.94
C ILE B 307 -27.57 -1.59 -4.22
N ARG B 308 -27.23 -0.30 -4.14
CA ARG B 308 -27.31 0.58 -5.30
C ARG B 308 -26.35 0.14 -6.41
N GLN B 309 -25.14 -0.28 -6.02
CA GLN B 309 -24.20 -0.78 -7.02
C GLN B 309 -24.69 -2.09 -7.64
N ALA B 310 -25.25 -3.00 -6.83
CA ALA B 310 -25.80 -4.23 -7.39
C ALA B 310 -26.93 -3.93 -8.37
N ARG B 311 -27.75 -2.93 -8.04
CA ARG B 311 -28.85 -2.52 -8.90
C ARG B 311 -28.33 -2.02 -10.25
N GLU B 312 -27.30 -1.16 -10.23
CA GLU B 312 -26.71 -0.72 -11.50
C GLU B 312 -26.12 -1.90 -12.28
N MET B 313 -25.49 -2.85 -11.59
CA MET B 313 -24.91 -4.01 -12.27
C MET B 313 -25.97 -4.89 -12.92
N VAL B 314 -27.11 -5.07 -12.26
CA VAL B 314 -28.18 -5.88 -12.85
C VAL B 314 -28.78 -5.16 -14.06
N SER B 315 -29.08 -3.88 -13.89
CA SER B 315 -29.79 -3.15 -14.94
C SER B 315 -29.00 -3.08 -16.25
N GLN B 316 -27.67 -3.04 -16.19
CA GLN B 316 -26.84 -2.89 -17.38
C GLN B 316 -26.32 -4.21 -17.97
N ASN B 317 -26.80 -5.36 -17.48
CA ASN B 317 -26.42 -6.66 -18.05
C ASN B 317 -24.91 -6.88 -18.13
N VAL B 318 -24.15 -6.52 -17.09
CA VAL B 318 -22.70 -6.76 -17.12
C VAL B 318 -22.36 -8.23 -17.22
N ALA B 319 -23.04 -9.11 -16.48
CA ALA B 319 -22.67 -10.52 -16.59
C ALA B 319 -22.76 -11.00 -18.03
N ALA B 320 -23.87 -10.64 -18.71
CA ALA B 320 -24.05 -11.02 -20.11
C ALA B 320 -23.01 -10.36 -21.02
N LEU B 321 -22.73 -9.07 -20.78
CA LEU B 321 -21.76 -8.34 -21.60
C LEU B 321 -20.34 -8.86 -21.40
N ILE B 322 -19.96 -9.21 -20.16
CA ILE B 322 -18.67 -9.84 -19.92
C ILE B 322 -18.59 -11.17 -20.64
N GLN B 323 -19.70 -11.92 -20.62
CA GLN B 323 -19.74 -13.20 -21.32
C GLN B 323 -19.52 -13.00 -22.81
N GLU B 324 -20.14 -11.98 -23.39
CA GLU B 324 -19.98 -11.71 -24.82
C GLU B 324 -18.50 -11.49 -25.17
N GLU B 325 -17.78 -10.72 -24.35
CA GLU B 325 -16.36 -10.50 -24.58
C GLU B 325 -15.60 -11.81 -24.39
#